data_3AGR
#
_entry.id   3AGR
#
_cell.length_a   93.664
_cell.length_b   140.776
_cell.length_c   301.067
_cell.angle_alpha   90.00
_cell.angle_beta   90.00
_cell.angle_gamma   90.00
#
_symmetry.space_group_name_H-M   'I 2 2 2'
#
loop_
_entity.id
_entity.type
_entity.pdbx_description
1 polymer 'Nucleoside triphosphate hydrolase'
2 water water
#
_entity_poly.entity_id   1
_entity_poly.type   'polypeptide(L)'
_entity_poly.pdbx_seq_one_letter_code
;ADEPATLRGVSAETEKHISAGKARLQDLRDAERRCHDAWQAIVVIDGGSSATRTNVFLAKTRSCPRGGRHIDPDSIRLLG
AGKRFAGLRGVLESWLDAYAGEDWESRSVDSKRLFQHVPEMEDSARGLMQLLEDDAVRILDEKLTEEQKVQVQAMGVPVL
LCSTAGVRDFHDWYREALFVILRFLINHPKPGHGYKFFTNPEWTRPITGAEEGLYAFLALNHLSGRLGEDPARCYVDEYG
MKQCRNDLVGVVEVGGASTQIVFPLQDGTALPSSIRAVNLQHERFLPSRFPSADVISVSFMQLGVASSSGLFFKELCSNA
EFRHQGICYNPCIFRGFRQACSAGDVEILPDGTIVVDEDVRKNKLKPVATYCSANNPEISFKAMNEIQCRVNKIDPTKSL
AERLRIDDCFQIVGTGDFDTCQAQVEELLVSPRFPLPANIEAASSGFESVGQVFKFASTASPMVITGGAMYASISTMQGL
GLLPKDFQGDLEQLIAASRTYCSSPVVNNGDGLVIQLPNAEQKLTSMNYDLCKTIALTVSLLQHMEAGEHKPSSISWQKT
VVGPDGKPRADLGWHVGAILHRVLFTEEWGRTAYETGFTYNM
;
_entity_poly.pdbx_strand_id   A,B
#
# COMPACT_ATOMS: atom_id res chain seq x y z
N ALA A 12 -8.37 -38.57 -35.80
CA ALA A 12 -8.00 -39.06 -34.43
C ALA A 12 -6.54 -38.77 -34.08
N GLU A 13 -5.67 -38.83 -35.09
CA GLU A 13 -4.28 -38.42 -34.91
C GLU A 13 -4.17 -36.96 -35.31
N THR A 14 -5.05 -36.55 -36.21
CA THR A 14 -5.32 -35.13 -36.45
C THR A 14 -6.10 -34.59 -35.25
N GLU A 15 -5.64 -34.96 -34.06
CA GLU A 15 -6.22 -34.49 -32.80
C GLU A 15 -5.09 -34.20 -31.82
N LYS A 16 -3.99 -34.94 -31.95
CA LYS A 16 -2.79 -34.65 -31.17
C LYS A 16 -2.04 -33.48 -31.78
N HIS A 17 -2.22 -33.29 -33.09
CA HIS A 17 -1.67 -32.13 -33.80
C HIS A 17 -2.37 -30.85 -33.36
N ILE A 18 -3.65 -30.95 -33.01
CA ILE A 18 -4.41 -29.81 -32.50
C ILE A 18 -3.95 -29.45 -31.08
N SER A 19 -3.80 -30.45 -30.22
CA SER A 19 -3.35 -30.22 -28.85
C SER A 19 -1.94 -29.63 -28.77
N ALA A 20 -1.08 -30.06 -29.69
CA ALA A 20 0.31 -29.57 -29.76
C ALA A 20 0.40 -28.16 -30.32
N GLY A 21 -0.55 -27.82 -31.19
CA GLY A 21 -0.68 -26.48 -31.73
C GLY A 21 -1.23 -25.52 -30.70
N LYS A 22 -2.20 -26.00 -29.91
CA LYS A 22 -2.74 -25.24 -28.79
C LYS A 22 -1.68 -25.00 -27.73
N ALA A 23 -0.74 -25.93 -27.62
CA ALA A 23 0.34 -25.83 -26.63
C ALA A 23 1.42 -24.83 -27.04
N ARG A 24 1.81 -24.88 -28.31
CA ARG A 24 2.86 -24.01 -28.85
C ARG A 24 2.41 -22.56 -28.78
N LEU A 25 1.13 -22.31 -29.03
CA LEU A 25 0.53 -21.00 -28.84
C LEU A 25 0.55 -20.59 -27.37
N GLN A 26 0.35 -21.56 -26.48
CA GLN A 26 0.28 -21.31 -25.06
C GLN A 26 1.64 -21.03 -24.43
N ASP A 27 2.68 -21.71 -24.92
CA ASP A 27 4.05 -21.47 -24.47
C ASP A 27 4.54 -20.08 -24.78
N LEU A 28 4.18 -19.58 -25.97
CA LEU A 28 4.62 -18.28 -26.44
C LEU A 28 3.88 -17.17 -25.71
N ARG A 29 2.57 -17.36 -25.56
CA ARG A 29 1.72 -16.48 -24.76
C ARG A 29 2.25 -16.44 -23.33
N ASP A 30 2.52 -17.63 -22.79
CA ASP A 30 3.09 -17.81 -21.46
C ASP A 30 4.44 -17.09 -21.28
N ALA A 31 5.23 -16.97 -22.36
CA ALA A 31 6.60 -16.43 -22.30
C ALA A 31 6.65 -14.91 -22.27
N GLU A 32 5.59 -14.26 -22.75
CA GLU A 32 5.54 -12.82 -22.74
C GLU A 32 4.72 -12.28 -21.57
N ARG A 33 4.26 -13.20 -20.73
CA ARG A 33 3.29 -12.86 -19.69
C ARG A 33 3.86 -12.92 -18.27
N ARG A 34 4.73 -13.89 -18.00
CA ARG A 34 5.35 -14.01 -16.67
C ARG A 34 6.69 -13.30 -16.56
N CYS A 35 7.17 -13.14 -15.34
CA CYS A 35 8.44 -12.50 -15.08
C CYS A 35 9.59 -13.42 -15.45
N HIS A 36 10.65 -12.84 -15.98
CA HIS A 36 11.87 -13.55 -16.33
C HIS A 36 12.94 -13.09 -15.39
N ASP A 37 13.90 -13.97 -15.11
CA ASP A 37 14.95 -13.69 -14.15
C ASP A 37 16.29 -13.70 -14.86
N ALA A 38 17.18 -12.80 -14.46
CA ALA A 38 18.53 -12.84 -15.00
C ALA A 38 19.54 -12.73 -13.87
N TRP A 39 20.66 -13.42 -14.03
CA TRP A 39 21.77 -13.31 -13.11
C TRP A 39 22.49 -11.96 -13.25
N GLN A 40 22.91 -11.38 -12.13
CA GLN A 40 23.73 -10.17 -12.15
C GLN A 40 24.77 -10.21 -11.04
N ALA A 41 26.01 -9.84 -11.38
CA ALA A 41 27.06 -9.70 -10.39
C ALA A 41 27.07 -8.29 -9.81
N ILE A 42 27.49 -8.19 -8.55
CA ILE A 42 27.71 -6.92 -7.87
C ILE A 42 29.02 -7.06 -7.09
N VAL A 43 29.99 -6.20 -7.37
CA VAL A 43 31.25 -6.25 -6.60
C VAL A 43 31.35 -5.10 -5.60
N VAL A 44 31.76 -5.43 -4.38
CA VAL A 44 32.13 -4.40 -3.41
C VAL A 44 33.60 -4.50 -3.07
N ILE A 45 34.30 -3.38 -3.23
CA ILE A 45 35.73 -3.32 -3.00
C ILE A 45 35.97 -2.71 -1.63
N ASP A 46 36.63 -3.47 -0.75
CA ASP A 46 36.88 -3.05 0.63
C ASP A 46 38.21 -2.31 0.70
N GLY A 47 38.14 -1.02 1.04
CA GLY A 47 39.35 -0.22 1.19
C GLY A 47 39.68 -0.08 2.66
N GLY A 48 40.45 -1.02 3.19
CA GLY A 48 40.81 -0.98 4.59
C GLY A 48 42.04 -0.14 4.82
N SER A 49 42.48 -0.09 6.07
CA SER A 49 43.75 0.55 6.43
C SER A 49 44.90 -0.17 5.76
N SER A 50 45.09 -1.45 6.11
CA SER A 50 46.28 -2.17 5.68
C SER A 50 46.22 -2.66 4.23
N ALA A 51 45.01 -2.88 3.70
CA ALA A 51 44.83 -3.46 2.36
C ALA A 51 43.49 -3.11 1.71
N THR A 52 43.44 -3.23 0.38
CA THR A 52 42.15 -3.16 -0.32
C THR A 52 41.97 -4.39 -1.22
N ARG A 53 40.83 -5.07 -1.07
CA ARG A 53 40.56 -6.28 -1.84
C ARG A 53 39.08 -6.38 -2.26
N THR A 54 38.84 -7.14 -3.33
CA THR A 54 37.53 -7.20 -3.96
C THR A 54 36.70 -8.34 -3.44
N ASN A 55 35.40 -8.12 -3.41
CA ASN A 55 34.44 -9.14 -3.01
C ASN A 55 33.38 -9.23 -4.09
N VAL A 56 33.22 -10.42 -4.67
CA VAL A 56 32.27 -10.60 -5.76
C VAL A 56 31.00 -11.30 -5.27
N PHE A 57 29.86 -10.67 -5.54
CA PHE A 57 28.55 -11.19 -5.17
C PHE A 57 27.72 -11.52 -6.41
N LEU A 58 26.78 -12.46 -6.24
CA LEU A 58 25.86 -12.83 -7.30
C LEU A 58 24.46 -12.76 -6.73
N ALA A 59 23.52 -12.34 -7.56
CA ALA A 59 22.12 -12.23 -7.18
C ALA A 59 21.29 -12.42 -8.45
N LYS A 60 20.01 -12.72 -8.30
CA LYS A 60 19.15 -12.76 -9.48
C LYS A 60 18.22 -11.58 -9.56
N THR A 61 18.25 -10.91 -10.70
CA THR A 61 17.27 -9.87 -10.98
C THR A 61 16.01 -10.56 -11.47
N ARG A 62 14.92 -9.79 -11.44
CA ARG A 62 13.63 -10.22 -11.96
C ARG A 62 12.96 -8.98 -12.57
N SER A 63 12.32 -9.18 -13.72
CA SER A 63 11.52 -8.14 -14.36
C SER A 63 10.22 -8.75 -14.87
N CYS A 64 9.16 -7.96 -14.81
CA CYS A 64 7.85 -8.40 -15.24
C CYS A 64 7.38 -7.48 -16.38
N PRO A 65 6.58 -8.01 -17.33
CA PRO A 65 6.07 -7.25 -18.48
C PRO A 65 5.83 -5.76 -18.19
N ARG A 66 4.89 -5.47 -17.31
CA ARG A 66 4.75 -4.09 -16.83
C ARG A 66 5.46 -4.03 -15.48
N GLY A 67 6.08 -2.89 -15.19
CA GLY A 67 7.05 -2.84 -14.10
C GLY A 67 8.45 -3.03 -14.64
N GLY A 68 9.43 -2.80 -13.78
CA GLY A 68 10.80 -2.70 -14.24
C GLY A 68 11.61 -3.89 -13.82
N ARG A 69 12.80 -3.62 -13.31
CA ARG A 69 13.69 -4.66 -12.87
C ARG A 69 14.10 -4.44 -11.42
N HIS A 70 14.06 -5.52 -10.64
CA HIS A 70 14.56 -5.49 -9.29
C HIS A 70 15.46 -6.68 -9.03
N ILE A 71 16.36 -6.52 -8.07
CA ILE A 71 17.14 -7.59 -7.45
C ILE A 71 16.24 -8.29 -6.42
N ASP A 72 16.20 -9.62 -6.46
CA ASP A 72 15.62 -10.38 -5.33
C ASP A 72 16.69 -10.39 -4.23
N PRO A 73 16.44 -9.66 -3.13
CA PRO A 73 17.46 -9.56 -2.07
C PRO A 73 17.80 -10.93 -1.42
N ASP A 74 16.80 -11.78 -1.25
CA ASP A 74 17.03 -13.14 -0.73
C ASP A 74 18.05 -13.96 -1.52
N SER A 75 18.35 -13.56 -2.74
CA SER A 75 19.19 -14.33 -3.65
C SER A 75 20.66 -13.93 -3.64
N ILE A 76 20.99 -12.84 -2.94
CA ILE A 76 22.38 -12.40 -2.83
C ILE A 76 23.24 -13.44 -2.10
N ARG A 77 24.28 -13.91 -2.79
CA ARG A 77 25.28 -14.80 -2.20
C ARG A 77 26.71 -14.36 -2.56
N LEU A 78 27.62 -14.54 -1.60
CA LEU A 78 29.04 -14.28 -1.80
C LEU A 78 29.65 -15.34 -2.71
N LEU A 79 30.28 -14.88 -3.78
CA LEU A 79 30.86 -15.77 -4.78
C LEU A 79 32.31 -16.06 -4.41
N GLY A 80 33.02 -15.03 -3.98
CA GLY A 80 34.39 -15.15 -3.51
C GLY A 80 35.02 -13.81 -3.19
N ALA A 81 35.81 -13.78 -2.11
CA ALA A 81 36.70 -12.65 -1.82
C ALA A 81 38.06 -12.84 -2.52
N GLY A 82 38.73 -11.73 -2.84
CA GLY A 82 39.97 -11.74 -3.62
C GLY A 82 41.28 -11.67 -2.85
N LYS A 83 42.36 -11.42 -3.60
CA LYS A 83 43.71 -11.26 -3.03
C LYS A 83 43.87 -9.88 -2.41
N ARG A 84 44.62 -9.82 -1.31
CA ARG A 84 44.90 -8.56 -0.63
C ARG A 84 45.87 -7.70 -1.44
N PHE A 85 45.42 -6.52 -1.84
CA PHE A 85 46.26 -5.56 -2.54
C PHE A 85 46.50 -4.34 -1.65
N ALA A 86 47.29 -3.38 -2.14
CA ALA A 86 47.72 -2.21 -1.35
C ALA A 86 46.55 -1.36 -0.84
N GLY A 87 46.72 -0.82 0.38
CA GLY A 87 45.74 0.08 0.96
C GLY A 87 45.72 1.44 0.28
N LEU A 88 44.58 2.13 0.33
CA LEU A 88 44.44 3.47 -0.22
C LEU A 88 45.29 4.49 0.53
N ARG A 89 45.42 4.29 1.84
CA ARG A 89 46.28 5.12 2.66
C ARG A 89 47.70 5.04 2.11
N GLY A 90 48.20 3.81 1.96
CA GLY A 90 49.54 3.55 1.45
C GLY A 90 49.80 4.06 0.05
N VAL A 91 48.74 4.25 -0.73
CA VAL A 91 48.86 4.84 -2.07
C VAL A 91 49.06 6.35 -1.94
N LEU A 92 48.15 6.99 -1.22
CA LEU A 92 48.24 8.41 -0.90
C LEU A 92 49.55 8.79 -0.25
N GLU A 93 50.06 7.92 0.62
CA GLU A 93 51.30 8.21 1.33
C GLU A 93 52.52 8.16 0.41
N SER A 94 52.56 7.18 -0.50
CA SER A 94 53.61 7.10 -1.51
C SER A 94 53.65 8.36 -2.36
N TRP A 95 52.47 8.86 -2.70
CA TRP A 95 52.31 10.04 -3.55
C TRP A 95 52.80 11.30 -2.84
N LEU A 96 52.41 11.47 -1.57
CA LEU A 96 52.80 12.65 -0.80
C LEU A 96 54.29 12.65 -0.43
N ASP A 97 54.84 11.46 -0.21
CA ASP A 97 56.27 11.32 0.09
C ASP A 97 57.12 11.75 -1.10
N ALA A 98 56.70 11.33 -2.28
CA ALA A 98 57.46 11.58 -3.49
C ALA A 98 57.33 13.00 -4.01
N TYR A 99 56.23 13.67 -3.70
CA TYR A 99 55.93 14.97 -4.32
C TYR A 99 55.61 16.14 -3.38
N ALA A 100 55.15 15.84 -2.17
CA ALA A 100 54.73 16.90 -1.24
C ALA A 100 55.86 17.38 -0.32
N GLY A 101 57.05 16.85 -0.53
CA GLY A 101 58.19 17.17 0.33
C GLY A 101 58.43 16.06 1.34
N GLU A 102 59.66 15.97 1.83
CA GLU A 102 60.09 14.92 2.76
C GLU A 102 59.29 14.91 4.05
N ASP A 103 58.88 16.09 4.51
CA ASP A 103 58.14 16.23 5.76
C ASP A 103 56.84 16.98 5.56
N TRP A 104 55.88 16.32 4.91
CA TRP A 104 54.52 16.84 4.83
C TRP A 104 53.77 16.45 6.10
N GLU A 105 54.24 15.38 6.75
CA GLU A 105 53.65 14.88 7.98
C GLU A 105 54.08 15.69 9.20
N SER A 106 55.29 16.21 9.17
CA SER A 106 55.78 17.08 10.25
C SER A 106 55.64 18.57 9.90
N ARG A 107 56.26 19.00 8.79
CA ARG A 107 56.18 20.40 8.35
C ARG A 107 54.79 20.74 7.80
N SER A 108 54.52 22.04 7.66
CA SER A 108 53.25 22.50 7.14
C SER A 108 53.11 22.16 5.65
N VAL A 109 51.92 21.75 5.25
CA VAL A 109 51.65 21.30 3.88
C VAL A 109 51.21 22.43 2.95
N ASP A 110 51.92 22.60 1.85
CA ASP A 110 51.46 23.50 0.80
C ASP A 110 50.71 22.68 -0.25
N SER A 111 49.38 22.76 -0.18
CA SER A 111 48.50 21.95 -1.02
C SER A 111 48.57 22.26 -2.52
N LYS A 112 48.68 23.54 -2.87
CA LYS A 112 48.59 24.00 -4.25
C LYS A 112 49.72 23.57 -5.21
N ARG A 113 50.85 23.17 -4.63
CA ARG A 113 52.01 22.70 -5.41
C ARG A 113 51.78 21.27 -5.93
N LEU A 114 50.84 20.56 -5.29
CA LEU A 114 50.58 19.14 -5.57
C LEU A 114 49.76 18.87 -6.84
N PHE A 115 48.91 19.82 -7.22
CA PHE A 115 48.08 19.71 -8.42
C PHE A 115 48.90 19.38 -9.66
N GLN A 116 50.19 19.70 -9.61
CA GLN A 116 51.15 19.42 -10.68
C GLN A 116 51.27 17.92 -10.97
N HIS A 117 51.19 17.09 -9.93
CA HIS A 117 51.42 15.65 -10.05
C HIS A 117 50.16 14.79 -9.89
N VAL A 118 49.04 15.27 -10.41
CA VAL A 118 47.81 14.46 -10.39
C VAL A 118 47.85 13.27 -11.38
N PRO A 119 48.54 13.42 -12.53
CA PRO A 119 48.66 12.26 -13.42
C PRO A 119 49.51 11.12 -12.82
N GLU A 120 50.37 11.46 -11.88
CA GLU A 120 51.17 10.46 -11.16
C GLU A 120 50.36 9.74 -10.08
N MET A 121 49.42 10.46 -9.46
CA MET A 121 48.44 9.86 -8.57
C MET A 121 47.47 8.99 -9.36
N GLU A 122 46.98 9.54 -10.46
CA GLU A 122 46.10 8.81 -11.36
C GLU A 122 46.80 7.56 -11.90
N ASP A 123 48.09 7.72 -12.21
CA ASP A 123 48.94 6.63 -12.69
C ASP A 123 49.14 5.58 -11.60
N SER A 124 49.37 6.05 -10.37
CA SER A 124 49.52 5.18 -9.21
C SER A 124 48.26 4.39 -8.93
N ALA A 125 47.11 5.05 -9.07
CA ALA A 125 45.81 4.42 -8.83
C ALA A 125 45.40 3.42 -9.91
N ARG A 126 45.73 3.74 -11.17
CA ARG A 126 45.45 2.86 -12.31
C ARG A 126 46.08 1.48 -12.09
N GLY A 127 47.24 1.46 -11.46
CA GLY A 127 47.92 0.22 -11.10
C GLY A 127 47.10 -0.63 -10.15
N LEU A 128 46.52 0.00 -9.14
CA LEU A 128 45.72 -0.72 -8.15
C LEU A 128 44.37 -1.14 -8.69
N MET A 129 43.71 -0.24 -9.40
CA MET A 129 42.39 -0.52 -9.96
C MET A 129 42.41 -1.58 -11.06
N GLN A 130 43.50 -1.63 -11.84
CA GLN A 130 43.67 -2.63 -12.87
C GLN A 130 43.76 -4.01 -12.22
N LEU A 131 44.47 -4.09 -11.09
CA LEU A 131 44.66 -5.34 -10.38
C LEU A 131 43.39 -5.84 -9.71
N LEU A 132 42.56 -4.91 -9.22
CA LEU A 132 41.29 -5.29 -8.62
C LEU A 132 40.26 -5.73 -9.67
N GLU A 133 40.25 -5.03 -10.80
CA GLU A 133 39.44 -5.41 -11.95
C GLU A 133 39.79 -6.82 -12.42
N ASP A 134 41.07 -7.05 -12.72
CA ASP A 134 41.58 -8.37 -13.13
C ASP A 134 41.22 -9.49 -12.13
N ASP A 135 41.34 -9.19 -10.83
CA ASP A 135 41.11 -10.14 -9.76
C ASP A 135 39.65 -10.56 -9.67
N ALA A 136 38.74 -9.59 -9.82
CA ALA A 136 37.30 -9.85 -9.87
C ALA A 136 36.95 -10.71 -11.08
N VAL A 137 37.59 -10.42 -12.21
CA VAL A 137 37.39 -11.14 -13.46
C VAL A 137 37.88 -12.58 -13.33
N ARG A 138 38.97 -12.77 -12.58
CA ARG A 138 39.47 -14.09 -12.23
C ARG A 138 38.39 -14.88 -11.47
N ILE A 139 37.76 -14.24 -10.49
CA ILE A 139 36.71 -14.86 -9.65
C ILE A 139 35.42 -15.14 -10.40
N LEU A 140 34.96 -14.17 -11.19
CA LEU A 140 33.77 -14.37 -12.01
C LEU A 140 33.92 -15.57 -12.97
N ASP A 141 34.94 -15.52 -13.81
CA ASP A 141 35.26 -16.60 -14.76
C ASP A 141 35.33 -17.95 -14.05
N GLU A 142 36.02 -17.98 -12.92
CA GLU A 142 36.17 -19.18 -12.11
C GLU A 142 34.81 -19.71 -11.66
N LYS A 143 34.05 -18.87 -10.97
CA LYS A 143 32.86 -19.32 -10.22
C LYS A 143 31.53 -19.36 -10.98
N LEU A 144 31.41 -18.61 -12.08
CA LEU A 144 30.16 -18.59 -12.84
C LEU A 144 30.04 -19.79 -13.78
N THR A 145 28.81 -20.30 -13.92
CA THR A 145 28.52 -21.30 -14.95
C THR A 145 28.52 -20.60 -16.31
N GLU A 146 28.68 -21.37 -17.38
CA GLU A 146 28.63 -20.85 -18.75
C GLU A 146 27.41 -19.94 -18.91
N GLU A 147 26.24 -20.50 -18.57
CA GLU A 147 24.96 -19.80 -18.58
C GLU A 147 24.96 -18.44 -17.86
N GLN A 148 25.40 -18.45 -16.60
CA GLN A 148 25.45 -17.23 -15.78
C GLN A 148 26.36 -16.17 -16.39
N LYS A 149 27.51 -16.58 -16.90
CA LYS A 149 28.49 -15.64 -17.46
C LYS A 149 27.93 -14.73 -18.56
N VAL A 150 27.18 -15.28 -19.51
CA VAL A 150 26.68 -14.48 -20.63
C VAL A 150 25.62 -13.48 -20.16
N GLN A 151 24.93 -13.82 -19.07
CA GLN A 151 23.90 -12.95 -18.49
C GLN A 151 24.53 -11.88 -17.65
N VAL A 152 25.48 -12.27 -16.81
CA VAL A 152 26.25 -11.30 -16.03
C VAL A 152 26.87 -10.24 -16.95
N GLN A 153 27.42 -10.69 -18.07
CA GLN A 153 28.02 -9.79 -19.04
C GLN A 153 27.03 -8.78 -19.60
N ALA A 154 25.82 -9.25 -19.86
CA ALA A 154 24.78 -8.42 -20.47
C ALA A 154 24.20 -7.39 -19.49
N MET A 155 24.08 -7.77 -18.22
CA MET A 155 23.30 -6.98 -17.26
C MET A 155 23.99 -5.71 -16.78
N GLY A 156 25.32 -5.69 -16.87
CA GLY A 156 26.12 -4.65 -16.22
C GLY A 156 26.47 -5.12 -14.83
N VAL A 157 27.69 -4.85 -14.38
CA VAL A 157 28.07 -5.23 -13.02
C VAL A 157 28.40 -4.02 -12.09
N PRO A 158 27.47 -3.70 -11.18
CA PRO A 158 27.71 -2.61 -10.22
C PRO A 158 28.95 -2.86 -9.36
N VAL A 159 29.67 -1.78 -9.07
CA VAL A 159 30.85 -1.83 -8.23
C VAL A 159 30.67 -0.79 -7.14
N LEU A 160 30.79 -1.19 -5.87
CA LEU A 160 30.76 -0.23 -4.76
C LEU A 160 32.08 -0.31 -4.03
N LEU A 161 32.87 0.76 -4.15
CA LEU A 161 34.15 0.83 -3.46
C LEU A 161 33.99 1.73 -2.25
N CYS A 162 34.11 1.13 -1.07
CA CYS A 162 33.97 1.89 0.16
C CYS A 162 35.22 1.77 1.01
N SER A 163 35.86 2.91 1.28
CA SER A 163 37.04 2.91 2.13
C SER A 163 36.66 3.17 3.59
N THR A 164 37.40 2.51 4.47
CA THR A 164 37.19 2.63 5.91
C THR A 164 38.26 3.49 6.60
N ALA A 165 38.86 2.96 7.68
CA ALA A 165 39.72 3.72 8.60
C ALA A 165 40.97 4.41 8.05
N GLY A 166 41.63 3.76 7.09
CA GLY A 166 42.92 4.25 6.59
C GLY A 166 42.92 5.62 5.93
N VAL A 167 41.77 6.02 5.38
CA VAL A 167 41.69 7.22 4.57
C VAL A 167 40.97 8.38 5.29
N ARG A 168 40.38 8.08 6.45
CA ARG A 168 39.55 9.04 7.19
C ARG A 168 40.32 10.27 7.72
N ASP A 169 41.64 10.13 7.83
CA ASP A 169 42.47 11.16 8.45
C ASP A 169 43.00 12.23 7.49
N PHE A 170 42.92 11.97 6.18
CA PHE A 170 43.55 12.82 5.18
C PHE A 170 42.78 14.11 4.91
N HIS A 171 43.38 15.22 5.34
CA HIS A 171 42.79 16.56 5.21
C HIS A 171 42.82 17.08 3.76
N ASP A 172 42.70 18.39 3.60
CA ASP A 172 42.76 19.09 2.29
C ASP A 172 41.77 18.54 1.24
N TRP A 173 42.24 18.35 0.01
CA TRP A 173 41.42 17.89 -1.11
C TRP A 173 41.80 16.51 -1.63
N TYR A 174 42.89 15.94 -1.09
CA TYR A 174 43.52 14.72 -1.62
C TYR A 174 42.57 13.53 -1.72
N ARG A 175 41.86 13.24 -0.63
CA ARG A 175 40.92 12.11 -0.57
C ARG A 175 39.79 12.25 -1.59
N GLU A 176 39.38 13.49 -1.83
CA GLU A 176 38.29 13.79 -2.77
C GLU A 176 38.73 13.60 -4.21
N ALA A 177 39.99 13.94 -4.49
CA ALA A 177 40.55 13.79 -5.84
C ALA A 177 40.82 12.34 -6.17
N LEU A 178 41.29 11.58 -5.19
CA LEU A 178 41.54 10.15 -5.34
C LEU A 178 40.27 9.39 -5.75
N PHE A 179 39.15 9.73 -5.13
CA PHE A 179 37.87 9.09 -5.43
C PHE A 179 37.29 9.45 -6.79
N VAL A 180 37.43 10.70 -7.21
CA VAL A 180 37.12 11.07 -8.60
C VAL A 180 37.98 10.24 -9.58
N ILE A 181 39.26 10.07 -9.26
CA ILE A 181 40.16 9.25 -10.06
C ILE A 181 39.69 7.79 -10.04
N LEU A 182 39.49 7.27 -8.83
CA LEU A 182 39.08 5.87 -8.61
C LEU A 182 37.86 5.52 -9.43
N ARG A 183 36.82 6.35 -9.32
CA ARG A 183 35.57 6.14 -10.02
C ARG A 183 35.79 6.10 -11.52
N PHE A 184 36.58 7.06 -12.01
CA PHE A 184 36.93 7.11 -13.42
C PHE A 184 37.55 5.78 -13.86
N LEU A 185 38.49 5.26 -13.07
CA LEU A 185 39.15 4.01 -13.44
C LEU A 185 38.18 2.85 -13.50
N ILE A 186 37.24 2.81 -12.56
CA ILE A 186 36.21 1.77 -12.52
C ILE A 186 35.26 1.88 -13.71
N ASN A 187 34.93 3.11 -14.12
CA ASN A 187 34.03 3.30 -15.25
C ASN A 187 34.65 2.95 -16.61
N HIS A 188 35.93 2.63 -16.62
CA HIS A 188 36.62 2.31 -17.87
C HIS A 188 37.29 0.95 -17.80
N PRO A 189 36.46 -0.11 -17.69
CA PRO A 189 36.99 -1.46 -17.67
C PRO A 189 37.53 -1.84 -19.05
N LYS A 190 38.37 -2.87 -19.09
CA LYS A 190 38.90 -3.35 -20.34
C LYS A 190 37.78 -4.08 -21.11
N PRO A 191 37.66 -3.81 -22.42
CA PRO A 191 36.56 -4.39 -23.20
C PRO A 191 36.66 -5.90 -23.40
N GLY A 192 37.88 -6.43 -23.42
CA GLY A 192 38.14 -7.84 -23.73
C GLY A 192 37.36 -8.89 -22.95
N HIS A 193 37.33 -8.76 -21.62
CA HIS A 193 36.66 -9.76 -20.77
C HIS A 193 35.12 -9.67 -20.81
N GLY A 194 34.60 -8.49 -21.13
CA GLY A 194 33.16 -8.34 -21.33
C GLY A 194 32.27 -8.04 -20.12
N TYR A 195 32.84 -8.03 -18.92
CA TYR A 195 32.10 -7.65 -17.73
C TYR A 195 32.06 -6.13 -17.69
N LYS A 196 30.85 -5.57 -17.73
CA LYS A 196 30.70 -4.15 -17.85
C LYS A 196 30.58 -3.54 -16.45
N PHE A 197 31.74 -3.38 -15.79
CA PHE A 197 31.81 -2.74 -14.50
C PHE A 197 31.44 -1.27 -14.61
N PHE A 198 30.72 -0.76 -13.63
CA PHE A 198 30.41 0.65 -13.53
C PHE A 198 30.09 1.04 -12.08
N THR A 199 30.25 2.31 -11.78
CA THR A 199 29.97 2.83 -10.46
C THR A 199 29.58 4.28 -10.62
N ASN A 200 29.33 4.96 -9.51
CA ASN A 200 28.92 6.38 -9.50
C ASN A 200 29.25 7.01 -8.14
N PRO A 201 29.04 8.35 -7.98
CA PRO A 201 29.42 8.97 -6.70
C PRO A 201 28.59 8.56 -5.47
N GLU A 202 27.42 7.97 -5.67
CA GLU A 202 26.60 7.48 -4.56
C GLU A 202 27.18 6.18 -3.98
N TRP A 203 27.60 5.27 -4.85
CA TRP A 203 28.07 3.97 -4.41
C TRP A 203 29.48 4.08 -3.89
N THR A 204 30.39 4.55 -4.74
CA THR A 204 31.81 4.70 -4.43
C THR A 204 32.11 6.02 -3.71
N ARG A 205 32.55 5.88 -2.47
CA ARG A 205 32.66 6.98 -1.51
C ARG A 205 33.44 6.45 -0.31
N PRO A 206 34.09 7.34 0.46
CA PRO A 206 34.53 6.93 1.79
C PRO A 206 33.32 6.73 2.71
N ILE A 207 33.44 5.85 3.72
CA ILE A 207 32.36 5.67 4.71
C ILE A 207 32.89 5.74 6.13
N THR A 208 32.11 6.34 7.01
CA THR A 208 32.49 6.50 8.41
C THR A 208 32.22 5.20 9.16
N GLY A 209 32.83 5.08 10.34
CA GLY A 209 32.68 3.90 11.19
C GLY A 209 31.23 3.58 11.49
N ALA A 210 30.41 4.62 11.68
CA ALA A 210 29.01 4.42 12.03
C ALA A 210 28.21 3.88 10.85
N GLU A 211 28.67 4.18 9.64
CA GLU A 211 28.00 3.68 8.45
C GLU A 211 28.29 2.20 8.34
N GLU A 212 29.57 1.87 8.45
CA GLU A 212 30.04 0.52 8.58
C GLU A 212 29.14 -0.24 9.56
N GLY A 213 28.74 0.43 10.64
CA GLY A 213 27.92 -0.22 11.65
C GLY A 213 26.50 -0.46 11.17
N LEU A 214 25.92 0.56 10.54
CA LEU A 214 24.56 0.47 10.00
C LEU A 214 24.51 -0.58 8.87
N TYR A 215 25.56 -0.65 8.05
CA TYR A 215 25.59 -1.67 7.01
C TYR A 215 25.65 -3.08 7.61
N ALA A 216 26.47 -3.24 8.63
CA ALA A 216 26.55 -4.52 9.32
C ALA A 216 25.19 -4.85 9.93
N PHE A 217 24.47 -3.83 10.39
CA PHE A 217 23.15 -4.02 10.93
C PHE A 217 22.13 -4.50 9.89
N LEU A 218 22.09 -3.85 8.72
CA LEU A 218 21.19 -4.29 7.64
C LEU A 218 21.60 -5.68 7.13
N ALA A 219 22.92 -5.92 7.05
CA ALA A 219 23.43 -7.20 6.59
C ALA A 219 22.99 -8.35 7.51
N LEU A 220 23.07 -8.13 8.82
CA LEU A 220 22.78 -9.19 9.78
C LEU A 220 21.31 -9.55 9.75
N ASN A 221 20.47 -8.53 9.85
CA ASN A 221 19.03 -8.73 9.96
C ASN A 221 18.41 -9.28 8.70
N HIS A 222 18.92 -8.87 7.54
CA HIS A 222 18.42 -9.40 6.27
C HIS A 222 18.89 -10.84 6.01
N LEU A 223 20.17 -11.11 6.23
CA LEU A 223 20.69 -12.49 6.06
C LEU A 223 20.00 -13.51 6.97
N SER A 224 19.39 -13.04 8.05
CA SER A 224 18.72 -13.95 8.98
C SER A 224 17.19 -13.86 8.87
N GLY A 225 16.70 -13.12 7.87
CA GLY A 225 15.29 -13.13 7.52
C GLY A 225 14.38 -12.34 8.43
N ARG A 226 14.92 -11.28 9.03
CA ARG A 226 14.14 -10.39 9.87
C ARG A 226 13.59 -9.20 9.07
N LEU A 227 14.14 -8.96 7.88
CA LEU A 227 13.72 -7.85 7.05
C LEU A 227 13.07 -8.29 5.75
N GLY A 228 11.98 -9.04 5.85
CA GLY A 228 11.22 -9.46 4.67
C GLY A 228 10.45 -8.32 4.02
N GLU A 229 9.87 -8.59 2.86
CA GLU A 229 8.99 -7.62 2.21
C GLU A 229 7.82 -7.31 3.13
N ASP A 230 7.22 -8.37 3.69
CA ASP A 230 6.15 -8.25 4.67
C ASP A 230 6.73 -8.11 6.08
N PRO A 231 6.05 -7.33 6.95
CA PRO A 231 6.43 -7.24 8.35
C PRO A 231 6.20 -8.57 9.06
N ALA A 232 6.75 -8.72 10.25
CA ALA A 232 6.64 -9.97 11.01
C ALA A 232 5.30 -10.13 11.73
N ARG A 233 4.75 -9.02 12.20
CA ARG A 233 3.48 -8.99 12.95
C ARG A 233 2.80 -7.63 12.82
N CYS A 234 1.47 -7.62 12.72
CA CYS A 234 0.72 -6.37 12.68
C CYS A 234 -0.53 -6.38 13.58
N TYR A 235 -0.35 -5.97 14.83
CA TYR A 235 -1.43 -5.92 15.83
C TYR A 235 -2.18 -4.58 15.81
N VAL A 236 -3.20 -4.45 16.66
CA VAL A 236 -3.85 -3.15 16.96
C VAL A 236 -3.53 -2.70 18.39
N ASP A 237 -3.04 -1.46 18.52
CA ASP A 237 -2.46 -0.98 19.78
C ASP A 237 -3.48 -0.47 20.79
N GLU A 238 -2.98 0.03 21.91
CA GLU A 238 -3.83 0.50 23.01
C GLU A 238 -4.64 1.77 22.72
N TYR A 239 -4.54 2.29 21.49
CA TYR A 239 -5.31 3.44 21.03
C TYR A 239 -6.10 3.13 19.75
N GLY A 240 -6.24 1.84 19.47
CA GLY A 240 -7.03 1.35 18.33
C GLY A 240 -6.46 1.69 16.96
N MET A 241 -5.17 1.43 16.77
CA MET A 241 -4.51 1.73 15.51
C MET A 241 -3.52 0.62 15.16
N LYS A 242 -3.41 0.30 13.87
CA LYS A 242 -2.57 -0.82 13.42
C LYS A 242 -1.09 -0.46 13.49
N GLN A 243 -0.33 -1.34 14.13
CA GLN A 243 1.11 -1.18 14.23
C GLN A 243 1.76 -2.41 13.63
N CYS A 244 2.62 -2.18 12.63
CA CYS A 244 3.43 -3.25 12.03
C CYS A 244 4.85 -3.20 12.59
N ARG A 245 5.40 -4.36 12.91
CA ARG A 245 6.71 -4.43 13.55
C ARG A 245 7.58 -5.53 12.97
N ASN A 246 8.88 -5.27 12.89
CA ASN A 246 9.88 -6.32 12.67
C ASN A 246 10.64 -6.63 13.96
N ASP A 247 11.05 -7.88 14.13
CA ASP A 247 11.81 -8.27 15.32
C ASP A 247 13.29 -8.32 14.97
N LEU A 248 13.90 -7.14 14.90
CA LEU A 248 15.28 -7.02 14.44
C LEU A 248 16.27 -7.40 15.52
N VAL A 249 17.39 -7.97 15.11
CA VAL A 249 18.46 -8.36 16.01
C VAL A 249 19.47 -7.22 16.08
N GLY A 250 20.16 -7.09 17.22
CA GLY A 250 21.25 -6.12 17.37
C GLY A 250 22.61 -6.73 17.08
N VAL A 251 23.57 -5.92 16.67
CA VAL A 251 24.89 -6.41 16.28
C VAL A 251 26.06 -5.71 16.99
N VAL A 252 27.08 -6.49 17.36
CA VAL A 252 28.34 -5.94 17.84
C VAL A 252 29.45 -6.40 16.90
N GLU A 253 30.22 -5.47 16.38
CA GLU A 253 31.36 -5.79 15.53
C GLU A 253 32.63 -5.11 16.02
N VAL A 254 33.63 -5.91 16.39
CA VAL A 254 34.95 -5.34 16.70
C VAL A 254 35.89 -5.54 15.51
N GLY A 255 36.20 -4.43 14.85
CA GLY A 255 37.08 -4.48 13.70
C GLY A 255 38.44 -3.99 14.10
N GLY A 256 39.39 -4.10 13.18
CA GLY A 256 40.75 -3.60 13.35
C GLY A 256 40.83 -2.17 13.87
N ALA A 257 40.02 -1.28 13.29
CA ALA A 257 40.14 0.15 13.61
C ALA A 257 39.12 0.65 14.62
N SER A 258 37.92 0.07 14.60
CA SER A 258 36.87 0.52 15.50
C SER A 258 35.92 -0.63 15.87
N THR A 259 35.24 -0.48 17.00
CA THR A 259 34.11 -1.34 17.37
C THR A 259 32.81 -0.61 17.13
N GLN A 260 31.90 -1.21 16.37
CA GLN A 260 30.55 -0.66 16.25
C GLN A 260 29.51 -1.52 16.97
N ILE A 261 28.51 -0.85 17.52
CA ILE A 261 27.37 -1.51 18.15
C ILE A 261 26.10 -0.83 17.64
N VAL A 262 25.21 -1.61 17.04
CA VAL A 262 23.93 -1.08 16.57
C VAL A 262 22.83 -2.03 16.95
N PHE A 263 21.79 -1.52 17.61
CA PHE A 263 20.64 -2.33 17.98
C PHE A 263 19.36 -1.51 17.99
N PRO A 264 18.19 -2.20 17.97
CA PRO A 264 16.86 -1.56 18.03
C PRO A 264 16.60 -0.88 19.37
N LEU A 265 15.95 0.29 19.33
CA LEU A 265 15.49 0.98 20.55
C LEU A 265 14.37 0.22 21.25
N GLN A 266 14.37 0.28 22.58
CA GLN A 266 13.18 -0.14 23.35
C GLN A 266 12.02 0.81 23.10
N ASP A 267 10.83 0.45 23.58
CA ASP A 267 9.64 1.28 23.37
C ASP A 267 9.59 2.44 24.37
N GLY A 268 9.55 2.09 25.66
CA GLY A 268 9.69 3.05 26.73
C GLY A 268 11.17 3.14 27.04
N THR A 269 11.77 4.26 26.62
CA THR A 269 13.19 4.51 26.84
C THR A 269 13.48 5.99 26.64
N ALA A 270 13.93 6.63 27.71
CA ALA A 270 14.19 8.06 27.72
C ALA A 270 15.65 8.33 27.40
N LEU A 271 15.87 8.93 26.25
CA LEU A 271 17.21 9.31 25.83
C LEU A 271 17.62 10.62 26.50
N PRO A 272 18.89 10.70 26.95
CA PRO A 272 19.44 11.99 27.40
C PRO A 272 19.39 13.01 26.27
N SER A 273 19.52 14.29 26.60
CA SER A 273 19.80 15.29 25.57
C SER A 273 21.22 15.00 25.07
N SER A 274 21.53 15.48 23.87
CA SER A 274 22.82 15.21 23.22
C SER A 274 22.93 13.76 22.66
N ILE A 275 21.98 12.92 23.07
CA ILE A 275 21.88 11.55 22.56
C ILE A 275 20.59 11.39 21.75
N ARG A 276 20.69 10.62 20.66
CA ARG A 276 19.62 10.51 19.68
C ARG A 276 19.54 9.11 19.09
N ALA A 277 18.31 8.62 18.90
CA ALA A 277 18.07 7.42 18.13
C ALA A 277 18.09 7.78 16.66
N VAL A 278 18.86 7.02 15.88
CA VAL A 278 18.85 7.19 14.44
C VAL A 278 17.76 6.30 13.80
N ASN A 279 16.91 6.96 13.02
CA ASN A 279 15.80 6.30 12.31
C ASN A 279 16.26 5.99 10.89
N LEU A 280 16.37 4.70 10.57
CA LEU A 280 16.94 4.25 9.29
C LEU A 280 16.21 4.80 8.08
N GLN A 281 14.89 4.87 8.16
CA GLN A 281 14.06 5.44 7.10
C GLN A 281 14.41 6.91 6.87
N HIS A 282 14.51 7.67 7.96
CA HIS A 282 14.74 9.11 7.88
C HIS A 282 16.13 9.39 7.30
N GLU A 283 17.14 8.67 7.80
CA GLU A 283 18.52 8.89 7.37
C GLU A 283 18.81 8.23 6.00
N ARG A 284 17.75 7.66 5.42
CA ARG A 284 17.76 7.13 4.06
C ARG A 284 18.59 5.84 3.90
N PHE A 285 18.51 4.99 4.93
CA PHE A 285 19.24 3.71 4.99
C PHE A 285 18.36 2.47 4.76
N LEU A 286 17.05 2.64 4.90
CA LEU A 286 16.07 1.61 4.61
C LEU A 286 14.81 2.30 4.05
N PRO A 287 14.13 1.69 3.08
CA PRO A 287 12.89 2.27 2.53
C PRO A 287 11.69 2.27 3.48
N SER A 288 10.73 3.15 3.17
CA SER A 288 9.52 3.41 3.96
C SER A 288 8.61 2.20 4.10
N ARG A 289 8.61 1.32 3.10
CA ARG A 289 7.75 0.12 3.11
C ARG A 289 8.14 -0.93 4.16
N PHE A 290 9.31 -0.75 4.80
CA PHE A 290 9.66 -1.56 5.98
C PHE A 290 9.25 -0.75 7.22
N PRO A 291 8.80 -1.44 8.28
CA PRO A 291 8.45 -0.75 9.52
C PRO A 291 9.56 0.20 10.00
N SER A 292 9.16 1.29 10.63
CA SER A 292 10.10 2.25 11.21
C SER A 292 11.18 1.59 12.08
N ALA A 293 12.44 1.83 11.74
CA ALA A 293 13.58 1.26 12.49
C ALA A 293 14.39 2.34 13.21
N ASP A 294 14.16 2.46 14.52
CA ASP A 294 14.92 3.36 15.38
C ASP A 294 16.04 2.56 16.02
N VAL A 295 17.27 3.06 15.96
CA VAL A 295 18.39 2.32 16.53
C VAL A 295 19.34 3.19 17.35
N ILE A 296 20.05 2.56 18.27
CA ILE A 296 21.23 3.15 18.85
C ILE A 296 22.40 2.67 18.00
N SER A 297 23.31 3.56 17.67
CA SER A 297 24.35 3.25 16.71
C SER A 297 25.64 3.94 17.11
N VAL A 298 26.60 3.16 17.61
CA VAL A 298 27.88 3.71 18.03
C VAL A 298 29.03 3.15 17.22
N SER A 299 30.12 3.92 17.19
CA SER A 299 31.37 3.51 16.58
C SER A 299 32.49 4.20 17.36
N PHE A 300 33.35 3.38 17.96
CA PHE A 300 34.40 3.88 18.83
C PHE A 300 35.77 3.58 18.25
N MET A 301 36.51 4.65 17.90
CA MET A 301 37.86 4.50 17.36
C MET A 301 38.87 3.95 18.37
N GLN A 302 38.63 4.17 19.67
CA GLN A 302 39.49 3.63 20.73
C GLN A 302 39.37 2.10 20.87
N LEU A 303 38.24 1.57 20.42
CA LEU A 303 37.87 0.20 20.79
C LEU A 303 38.15 -0.82 19.69
N GLY A 304 38.79 -0.38 18.61
CA GLY A 304 39.27 -1.30 17.58
C GLY A 304 40.32 -2.21 18.16
N VAL A 305 40.63 -3.28 17.45
CA VAL A 305 41.65 -4.20 17.93
C VAL A 305 42.98 -3.47 17.98
N ALA A 306 43.35 -2.85 16.85
CA ALA A 306 44.63 -2.17 16.73
C ALA A 306 44.65 -0.90 17.62
N SER A 307 43.73 0.02 17.37
CA SER A 307 43.71 1.28 18.11
C SER A 307 43.70 1.07 19.63
N SER A 308 43.04 0.01 20.09
CA SER A 308 42.97 -0.27 21.53
C SER A 308 44.30 -0.79 22.06
N SER A 309 45.02 -1.55 21.25
CA SER A 309 46.34 -2.05 21.63
C SER A 309 47.31 -0.92 21.95
N GLY A 310 47.38 0.07 21.06
CA GLY A 310 48.19 1.27 21.27
C GLY A 310 47.72 2.13 22.45
N LEU A 311 46.41 2.26 22.61
CA LEU A 311 45.85 3.00 23.74
C LEU A 311 46.13 2.30 25.06
N PHE A 312 45.95 0.99 25.08
CA PHE A 312 46.21 0.19 26.26
C PHE A 312 47.69 0.27 26.66
N PHE A 313 48.58 0.24 25.66
CA PHE A 313 50.02 0.38 25.88
C PHE A 313 50.37 1.72 26.54
N LYS A 314 49.78 2.80 26.02
CA LYS A 314 50.05 4.14 26.53
C LYS A 314 49.49 4.31 27.95
N GLU A 315 48.26 3.87 28.16
CA GLU A 315 47.59 4.05 29.44
C GLU A 315 48.08 3.08 30.51
N LEU A 316 48.31 1.82 30.17
CA LEU A 316 48.76 0.87 31.16
C LEU A 316 50.20 1.13 31.59
N CYS A 317 51.09 1.25 30.60
CA CYS A 317 52.52 1.33 30.88
C CYS A 317 52.98 2.68 31.42
N SER A 318 52.10 3.67 31.41
CA SER A 318 52.37 4.96 32.05
C SER A 318 51.98 4.94 33.53
N ASN A 319 51.36 3.84 33.97
CA ASN A 319 50.99 3.66 35.37
C ASN A 319 52.10 2.91 36.13
N ALA A 320 52.67 3.58 37.12
CA ALA A 320 53.80 3.05 37.90
C ALA A 320 53.49 1.77 38.68
N GLU A 321 52.20 1.42 38.75
CA GLU A 321 51.76 0.16 39.35
C GLU A 321 52.07 -1.02 38.43
N PHE A 322 52.34 -0.73 37.15
CA PHE A 322 52.65 -1.75 36.16
C PHE A 322 54.04 -1.60 35.54
N ARG A 323 54.75 -0.54 35.92
CA ARG A 323 56.07 -0.26 35.34
C ARG A 323 57.21 -0.31 36.38
N HIS A 324 57.34 -1.45 37.06
CA HIS A 324 58.39 -1.65 38.07
C HIS A 324 59.77 -1.79 37.42
N GLN A 325 60.69 -0.90 37.80
CA GLN A 325 62.13 -1.00 37.47
C GLN A 325 62.47 -1.05 35.96
N GLY A 326 61.74 -0.30 35.14
CA GLY A 326 62.02 -0.21 33.71
C GLY A 326 61.29 -1.20 32.80
N ILE A 327 60.56 -2.13 33.40
CA ILE A 327 59.80 -3.12 32.65
C ILE A 327 58.30 -2.97 32.90
N CYS A 328 57.53 -2.86 31.82
CA CYS A 328 56.08 -2.79 31.92
C CYS A 328 55.46 -4.19 31.89
N TYR A 329 54.70 -4.51 32.94
CA TYR A 329 54.09 -5.81 33.10
C TYR A 329 52.64 -5.83 32.62
N ASN A 330 52.45 -6.28 31.37
CA ASN A 330 51.13 -6.35 30.74
C ASN A 330 50.36 -7.64 31.10
N PRO A 331 49.25 -7.49 31.83
CA PRO A 331 48.48 -8.68 32.24
C PRO A 331 47.79 -9.39 31.07
N CYS A 332 47.56 -8.64 29.99
CA CYS A 332 46.87 -9.16 28.81
C CYS A 332 47.75 -9.93 27.82
N ILE A 333 49.03 -10.07 28.14
CA ILE A 333 49.92 -10.86 27.28
C ILE A 333 50.38 -12.10 28.06
N PHE A 334 50.50 -13.23 27.36
CA PHE A 334 50.94 -14.47 27.99
C PHE A 334 52.29 -14.30 28.67
N ARG A 335 52.44 -14.91 29.83
CA ARG A 335 53.75 -14.99 30.49
C ARG A 335 54.69 -15.80 29.61
N GLY A 336 55.94 -15.38 29.55
CA GLY A 336 56.92 -15.95 28.64
C GLY A 336 57.24 -15.04 27.45
N PHE A 337 56.49 -13.96 27.28
CA PHE A 337 56.62 -13.08 26.12
C PHE A 337 57.32 -11.80 26.50
N ARG A 338 58.46 -11.54 25.87
CA ARG A 338 59.21 -10.31 26.09
C ARG A 338 59.27 -9.50 24.81
N GLN A 339 59.24 -8.18 24.96
CA GLN A 339 59.02 -7.28 23.84
C GLN A 339 59.68 -5.94 24.13
N ALA A 340 60.20 -5.30 23.08
CA ALA A 340 60.63 -3.90 23.19
C ALA A 340 59.41 -3.02 23.54
N CYS A 341 59.63 -1.91 24.24
CA CYS A 341 58.52 -1.16 24.85
C CYS A 341 57.92 -0.04 24.01
N SER A 342 57.19 -0.42 22.96
CA SER A 342 56.48 0.54 22.13
C SER A 342 55.20 -0.09 21.58
N ALA A 343 54.41 0.71 20.89
CA ALA A 343 53.21 0.21 20.23
C ALA A 343 53.49 -0.08 18.76
N GLY A 344 54.73 -0.42 18.44
CA GLY A 344 55.13 -0.77 17.08
C GLY A 344 54.61 -2.14 16.67
N ASP A 345 54.70 -2.44 15.36
CA ASP A 345 54.21 -3.71 14.83
C ASP A 345 55.09 -4.87 15.27
N VAL A 346 54.50 -5.77 16.03
CA VAL A 346 55.18 -6.98 16.50
C VAL A 346 55.31 -7.96 15.32
N GLU A 347 56.45 -8.61 15.24
CA GLU A 347 56.71 -9.63 14.23
C GLU A 347 57.41 -10.78 14.94
N ILE A 348 56.96 -12.01 14.70
CA ILE A 348 57.60 -13.17 15.31
C ILE A 348 58.39 -13.97 14.29
N LEU A 349 59.71 -13.98 14.46
CA LEU A 349 60.62 -14.69 13.57
C LEU A 349 60.44 -16.21 13.63
N PRO A 350 60.86 -16.93 12.56
CA PRO A 350 60.82 -18.38 12.51
C PRO A 350 61.43 -19.09 13.73
N ASP A 351 62.52 -18.54 14.27
CA ASP A 351 63.24 -19.21 15.37
C ASP A 351 62.68 -18.95 16.78
N GLY A 352 62.30 -17.70 17.05
CA GLY A 352 61.75 -17.34 18.36
C GLY A 352 61.98 -15.89 18.73
N THR A 353 62.74 -15.18 17.90
CA THR A 353 63.09 -13.78 18.11
C THR A 353 61.87 -12.90 17.99
N ILE A 354 61.77 -11.90 18.85
CA ILE A 354 60.65 -10.97 18.81
C ILE A 354 61.14 -9.58 18.45
N VAL A 355 60.74 -9.12 17.27
CA VAL A 355 61.19 -7.85 16.74
C VAL A 355 60.02 -6.89 16.67
N VAL A 356 60.26 -5.65 17.08
CA VAL A 356 59.25 -4.60 17.04
C VAL A 356 59.64 -3.50 16.05
N ASP A 357 58.71 -3.19 15.14
CA ASP A 357 58.88 -2.19 14.10
C ASP A 357 58.98 -0.78 14.67
N GLU A 358 59.93 0.00 14.15
CA GLU A 358 60.13 1.38 14.60
C GLU A 358 59.48 2.40 13.67
N ASP A 359 59.13 1.96 12.46
CA ASP A 359 58.41 2.78 11.48
C ASP A 359 57.13 3.32 12.08
N VAL A 360 57.03 4.65 12.15
CA VAL A 360 55.88 5.33 12.79
C VAL A 360 54.53 4.99 12.13
N ARG A 361 54.53 4.82 10.82
CA ARG A 361 53.31 4.40 10.07
C ARG A 361 52.82 3.00 10.46
N LYS A 362 53.78 2.17 10.86
CA LYS A 362 53.54 0.80 11.27
C LYS A 362 53.47 0.75 12.80
N ASN A 363 52.48 1.46 13.36
CA ASN A 363 52.38 1.67 14.80
C ASN A 363 50.91 1.67 15.24
N LYS A 364 50.64 1.03 16.37
CA LYS A 364 49.28 0.90 16.93
C LYS A 364 48.71 2.21 17.49
N LEU A 365 49.57 3.20 17.73
CA LEU A 365 49.14 4.51 18.24
C LEU A 365 49.04 5.57 17.14
N LYS A 366 49.56 5.25 15.96
CA LYS A 366 49.65 6.19 14.86
C LYS A 366 48.33 6.90 14.54
N PRO A 367 47.22 6.13 14.45
CA PRO A 367 45.93 6.79 14.15
C PRO A 367 45.47 7.80 15.19
N VAL A 368 45.53 7.45 16.47
CA VAL A 368 45.12 8.34 17.53
C VAL A 368 46.03 9.58 17.60
N ALA A 369 47.32 9.37 17.31
CA ALA A 369 48.33 10.41 17.43
C ALA A 369 48.27 11.41 16.30
N THR A 370 47.97 10.95 15.09
CA THR A 370 47.79 11.87 13.95
C THR A 370 46.47 12.62 14.03
N TYR A 371 45.51 12.03 14.76
CA TYR A 371 44.31 12.76 15.12
C TYR A 371 44.66 13.87 16.13
N CYS A 372 45.37 13.50 17.20
CA CYS A 372 45.80 14.45 18.22
C CYS A 372 47.05 15.18 17.78
N SER A 373 46.99 15.74 16.58
CA SER A 373 48.11 16.45 16.01
C SER A 373 47.77 17.93 15.98
N ALA A 374 48.80 18.77 15.96
CA ALA A 374 48.66 20.18 15.66
C ALA A 374 48.20 20.32 14.20
N ASN A 375 48.59 19.35 13.37
CA ASN A 375 48.17 19.26 11.97
C ASN A 375 46.66 19.18 11.76
N ASN A 376 45.98 18.44 12.63
CA ASN A 376 44.53 18.25 12.52
C ASN A 376 43.76 19.53 12.87
N PRO A 377 42.95 20.06 11.92
CA PRO A 377 42.15 21.26 12.19
C PRO A 377 40.99 21.01 13.15
N GLU A 378 40.76 19.76 13.52
CA GLU A 378 39.73 19.40 14.49
C GLU A 378 40.20 19.65 15.92
N ILE A 379 41.50 19.89 16.08
CA ILE A 379 42.12 20.15 17.38
C ILE A 379 42.22 21.65 17.68
N SER A 380 42.65 22.43 16.69
CA SER A 380 42.71 23.89 16.82
C SER A 380 41.33 24.53 16.66
N PHE A 381 40.37 23.73 16.20
CA PHE A 381 38.97 24.13 16.07
C PHE A 381 38.39 24.61 17.41
N LYS A 382 38.41 23.72 18.39
CA LYS A 382 37.93 23.98 19.74
C LYS A 382 39.04 23.64 20.72
N ALA A 383 39.36 24.56 21.62
CA ALA A 383 40.45 24.38 22.58
C ALA A 383 40.27 23.17 23.51
N MET A 384 39.04 22.67 23.60
CA MET A 384 38.67 21.61 24.53
C MET A 384 39.15 20.21 24.12
N ASN A 385 39.00 19.87 22.84
CA ASN A 385 39.40 18.56 22.33
C ASN A 385 40.91 18.35 22.26
N GLU A 386 41.67 19.41 22.51
CA GLU A 386 43.11 19.31 22.73
C GLU A 386 43.36 18.73 24.12
N ILE A 387 42.75 19.34 25.12
CA ILE A 387 42.87 18.90 26.52
C ILE A 387 42.30 17.50 26.73
N GLN A 388 41.15 17.23 26.11
CA GLN A 388 40.49 15.94 26.24
C GLN A 388 41.38 14.78 25.81
N CYS A 389 42.21 15.01 24.80
CA CYS A 389 43.09 13.95 24.33
C CYS A 389 44.53 14.05 24.84
N ARG A 390 44.87 15.19 25.47
CA ARG A 390 46.08 15.28 26.29
C ARG A 390 45.90 14.50 27.60
N VAL A 391 44.65 14.41 28.08
CA VAL A 391 44.29 13.60 29.24
C VAL A 391 44.42 12.11 28.93
N ASN A 392 44.28 11.75 27.66
CA ASN A 392 44.59 10.39 27.21
C ASN A 392 46.05 10.23 26.85
N LYS A 393 46.86 11.14 27.38
CA LYS A 393 48.33 11.09 27.32
C LYS A 393 48.94 11.20 25.90
N ILE A 394 48.14 11.72 24.97
CA ILE A 394 48.61 11.98 23.61
C ILE A 394 48.65 13.49 23.43
N ASP A 395 49.82 14.09 23.65
CA ASP A 395 49.95 15.55 23.61
C ASP A 395 50.11 16.08 22.19
N PRO A 396 49.17 16.92 21.72
CA PRO A 396 49.23 17.46 20.36
C PRO A 396 50.33 18.50 20.14
N THR A 397 50.76 19.20 21.19
CA THR A 397 51.83 20.19 21.08
C THR A 397 53.21 19.53 21.04
N LYS A 398 53.28 18.32 21.59
CA LYS A 398 54.50 17.53 21.53
C LYS A 398 54.56 16.76 20.20
N SER A 399 55.76 16.33 19.80
CA SER A 399 55.95 15.72 18.48
C SER A 399 55.38 14.29 18.39
N LEU A 400 55.38 13.77 17.16
CA LEU A 400 54.87 12.44 16.88
C LEU A 400 55.59 11.40 17.73
N ALA A 401 56.93 11.49 17.77
CA ALA A 401 57.75 10.51 18.48
C ALA A 401 57.48 10.48 19.98
N GLU A 402 57.27 11.67 20.56
CA GLU A 402 56.98 11.81 22.00
C GLU A 402 55.59 11.29 22.35
N ARG A 403 54.66 11.43 21.40
CA ARG A 403 53.30 10.93 21.53
C ARG A 403 53.22 9.41 21.51
N LEU A 404 54.10 8.78 20.73
CA LEU A 404 54.07 7.33 20.49
C LEU A 404 54.79 6.50 21.54
N ARG A 405 55.54 7.14 22.43
CA ARG A 405 56.41 6.40 23.34
C ARG A 405 56.08 6.59 24.82
N ILE A 406 56.53 5.63 25.64
CA ILE A 406 56.54 5.79 27.09
C ILE A 406 57.99 5.93 27.52
N ASP A 407 58.30 7.05 28.16
CA ASP A 407 59.61 7.29 28.75
C ASP A 407 59.80 6.37 29.96
N ASP A 408 61.05 5.99 30.23
CA ASP A 408 61.40 5.14 31.38
C ASP A 408 60.97 3.68 31.21
N CYS A 409 60.81 3.24 29.97
CA CYS A 409 60.36 1.87 29.70
C CYS A 409 61.22 1.17 28.65
N PHE A 410 61.80 0.04 29.03
CA PHE A 410 62.77 -0.69 28.19
C PHE A 410 62.15 -1.90 27.49
N GLN A 411 61.30 -2.63 28.20
CA GLN A 411 60.67 -3.85 27.68
C GLN A 411 59.27 -4.08 28.26
N ILE A 412 58.34 -4.53 27.43
CA ILE A 412 57.04 -4.98 27.89
C ILE A 412 57.11 -6.48 28.12
N VAL A 413 56.72 -6.92 29.32
CA VAL A 413 56.76 -8.33 29.71
C VAL A 413 55.37 -8.85 30.05
N GLY A 414 55.01 -9.98 29.46
CA GLY A 414 53.72 -10.62 29.69
C GLY A 414 53.57 -11.25 31.06
N THR A 415 52.38 -11.08 31.64
CA THR A 415 52.04 -11.53 32.99
C THR A 415 50.99 -12.64 32.93
N GLY A 416 50.10 -12.56 31.96
CA GLY A 416 49.06 -13.56 31.75
C GLY A 416 48.09 -13.69 32.90
N ASP A 417 47.74 -12.55 33.49
CA ASP A 417 46.80 -12.48 34.61
C ASP A 417 45.48 -11.88 34.13
N PHE A 418 44.53 -12.76 33.85
CA PHE A 418 43.24 -12.35 33.28
C PHE A 418 42.46 -11.34 34.13
N ASP A 419 42.37 -11.57 35.43
CA ASP A 419 41.57 -10.72 36.29
C ASP A 419 42.02 -9.26 36.23
N THR A 420 43.35 -9.07 36.24
CA THR A 420 43.96 -7.74 36.16
C THR A 420 43.79 -7.17 34.74
N CYS A 421 44.03 -8.01 33.74
CA CYS A 421 43.81 -7.65 32.36
C CYS A 421 42.38 -7.20 32.12
N GLN A 422 41.44 -7.94 32.68
CA GLN A 422 40.03 -7.61 32.56
C GLN A 422 39.72 -6.31 33.31
N ALA A 423 40.29 -6.16 34.50
CA ALA A 423 40.12 -4.93 35.28
C ALA A 423 40.61 -3.71 34.51
N GLN A 424 41.80 -3.81 33.93
CA GLN A 424 42.41 -2.72 33.19
C GLN A 424 41.65 -2.42 31.92
N VAL A 425 41.29 -3.47 31.17
CA VAL A 425 40.50 -3.29 29.96
C VAL A 425 39.19 -2.58 30.29
N GLU A 426 38.53 -3.03 31.36
CA GLU A 426 37.33 -2.37 31.88
C GLU A 426 37.56 -0.87 32.15
N GLU A 427 38.59 -0.59 32.93
CA GLU A 427 38.92 0.75 33.42
C GLU A 427 39.39 1.71 32.31
N LEU A 428 40.29 1.23 31.45
CA LEU A 428 41.03 2.08 30.52
C LEU A 428 40.45 2.17 29.10
N LEU A 429 39.55 1.25 28.75
CA LEU A 429 39.05 1.12 27.39
C LEU A 429 37.53 1.11 27.30
N VAL A 430 36.90 0.29 28.15
CA VAL A 430 35.46 0.09 28.07
C VAL A 430 34.70 1.28 28.62
N SER A 431 35.05 1.70 29.83
CA SER A 431 34.41 2.85 30.43
C SER A 431 35.42 3.78 31.10
N PRO A 432 36.28 4.42 30.29
CA PRO A 432 37.22 5.37 30.88
C PRO A 432 36.47 6.61 31.38
N ARG A 433 36.98 7.22 32.44
CA ARG A 433 36.30 8.37 33.02
C ARG A 433 36.28 9.54 32.05
N PHE A 434 37.35 9.67 31.25
CA PHE A 434 37.43 10.68 30.21
C PHE A 434 37.77 10.05 28.86
N PRO A 435 36.74 9.57 28.13
CA PRO A 435 36.96 8.95 26.82
C PRO A 435 37.28 9.99 25.74
N LEU A 436 38.01 9.56 24.72
CA LEU A 436 38.32 10.41 23.57
C LEU A 436 37.06 10.76 22.78
N PRO A 437 37.10 11.86 22.02
CA PRO A 437 35.91 12.48 21.40
C PRO A 437 35.00 11.56 20.58
N ALA A 438 33.70 11.78 20.73
CA ALA A 438 32.69 11.05 19.98
C ALA A 438 32.34 11.82 18.70
N ASN A 439 32.53 11.19 17.54
CA ASN A 439 32.17 11.81 16.26
C ASN A 439 30.65 11.92 16.04
N ILE A 440 30.19 13.17 15.91
CA ILE A 440 28.76 13.47 15.72
C ILE A 440 28.42 13.46 14.22
N GLU A 441 27.37 12.73 13.86
CA GLU A 441 26.91 12.61 12.47
C GLU A 441 25.55 11.94 12.40
N ALA A 442 24.96 11.96 11.20
CA ALA A 442 23.64 11.40 10.96
C ALA A 442 23.50 9.95 11.42
N ALA A 443 24.52 9.15 11.17
CA ALA A 443 24.46 7.72 11.47
C ALA A 443 24.80 7.38 12.92
N SER A 444 25.39 8.33 13.65
CA SER A 444 25.81 8.12 15.03
C SER A 444 24.79 8.61 16.08
N SER A 445 24.81 7.98 17.24
CA SER A 445 23.86 8.32 18.31
C SER A 445 24.39 9.35 19.29
N GLY A 446 25.70 9.38 19.49
CA GLY A 446 26.32 10.41 20.30
C GLY A 446 27.15 9.94 21.48
N PHE A 447 26.82 8.75 22.00
CA PHE A 447 27.52 8.15 23.16
C PHE A 447 29.03 8.16 23.01
N GLU A 448 29.75 8.36 24.11
CA GLU A 448 31.22 8.42 24.07
C GLU A 448 31.89 7.05 24.27
N SER A 449 31.28 6.18 25.08
CA SER A 449 31.67 4.77 25.12
C SER A 449 30.62 3.80 25.68
N VAL A 450 30.98 2.52 25.64
CA VAL A 450 30.09 1.38 25.94
C VAL A 450 29.32 1.49 27.25
N GLY A 451 30.03 1.81 28.34
CA GLY A 451 29.39 2.00 29.63
C GLY A 451 28.11 2.81 29.52
N GLN A 452 28.19 3.93 28.81
CA GLN A 452 27.06 4.86 28.64
C GLN A 452 25.89 4.26 27.87
N VAL A 453 26.21 3.37 26.93
CA VAL A 453 25.20 2.79 26.04
C VAL A 453 24.21 1.93 26.82
N PHE A 454 24.72 1.00 27.61
CA PHE A 454 23.88 0.03 28.30
C PHE A 454 23.37 0.53 29.65
N LYS A 455 23.96 1.61 30.14
CA LYS A 455 23.42 2.31 31.29
C LYS A 455 22.15 3.05 30.89
N PHE A 456 22.19 3.73 29.73
CA PHE A 456 21.16 4.68 29.36
C PHE A 456 20.16 4.24 28.29
N ALA A 457 20.52 3.23 27.49
CA ALA A 457 19.68 2.85 26.34
C ALA A 457 19.62 1.35 26.04
N SER A 458 19.75 0.52 27.07
CA SER A 458 19.80 -0.95 26.91
C SER A 458 18.59 -1.54 26.18
N THR A 459 18.79 -2.70 25.57
CA THR A 459 17.77 -3.31 24.71
C THR A 459 17.46 -4.77 25.08
N ALA A 460 16.20 -5.18 24.85
CA ALA A 460 15.77 -6.56 25.05
C ALA A 460 15.93 -7.41 23.77
N SER A 461 16.24 -6.75 22.66
CA SER A 461 16.43 -7.42 21.38
C SER A 461 17.59 -8.42 21.44
N PRO A 462 17.49 -9.55 20.73
CA PRO A 462 18.60 -10.52 20.68
C PRO A 462 19.88 -9.85 20.19
N MET A 463 21.02 -10.43 20.50
CA MET A 463 22.29 -9.82 20.14
C MET A 463 23.27 -10.79 19.49
N VAL A 464 23.95 -10.33 18.45
CA VAL A 464 25.07 -11.10 17.92
C VAL A 464 26.39 -10.35 17.89
N ILE A 465 27.45 -11.07 18.26
CA ILE A 465 28.81 -10.54 18.36
C ILE A 465 29.63 -11.02 17.17
N THR A 466 30.34 -10.10 16.52
CA THR A 466 31.05 -10.41 15.28
C THR A 466 32.42 -9.74 15.22
N GLY A 467 33.35 -10.37 14.51
CA GLY A 467 34.70 -9.84 14.40
C GLY A 467 35.69 -10.97 14.44
N GLY A 468 36.71 -10.87 13.60
CA GLY A 468 37.71 -11.91 13.45
C GLY A 468 38.13 -12.53 14.76
N ALA A 469 38.65 -11.69 15.65
CA ALA A 469 39.19 -12.14 16.93
C ALA A 469 38.09 -12.48 17.94
N MET A 470 36.95 -11.79 17.88
CA MET A 470 35.85 -12.10 18.79
C MET A 470 35.45 -13.54 18.55
N TYR A 471 35.16 -13.86 17.29
CA TYR A 471 34.69 -15.19 16.94
C TYR A 471 35.74 -16.24 17.30
N ALA A 472 36.97 -16.03 16.84
CA ALA A 472 38.01 -17.02 16.98
C ALA A 472 38.34 -17.34 18.44
N SER A 473 38.32 -16.32 19.30
CA SER A 473 38.78 -16.53 20.66
C SER A 473 37.83 -17.47 21.39
N ILE A 474 36.54 -17.23 21.22
CA ILE A 474 35.52 -18.12 21.77
C ILE A 474 35.66 -19.52 21.14
N SER A 475 35.72 -19.56 19.81
CA SER A 475 35.74 -20.82 19.10
C SER A 475 36.93 -21.69 19.48
N THR A 476 38.12 -21.08 19.62
CA THR A 476 39.29 -21.89 19.96
C THR A 476 39.18 -22.42 21.38
N MET A 477 38.61 -21.61 22.28
CA MET A 477 38.26 -22.10 23.62
C MET A 477 37.33 -23.31 23.55
N GLN A 478 36.32 -23.25 22.69
CA GLN A 478 35.37 -24.36 22.56
C GLN A 478 36.07 -25.63 22.10
N GLY A 479 36.91 -25.50 21.08
CA GLY A 479 37.73 -26.61 20.60
C GLY A 479 38.66 -27.16 21.66
N LEU A 480 39.09 -26.29 22.58
CA LEU A 480 39.96 -26.67 23.69
C LEU A 480 39.24 -27.44 24.81
N GLY A 481 37.91 -27.46 24.75
CA GLY A 481 37.12 -28.08 25.79
C GLY A 481 36.91 -27.20 27.00
N LEU A 482 37.41 -25.97 26.92
CA LEU A 482 37.32 -24.98 27.99
C LEU A 482 35.97 -24.29 28.04
N LEU A 483 35.32 -24.17 26.89
CA LEU A 483 33.93 -23.72 26.82
C LEU A 483 33.05 -24.86 26.33
N PRO A 484 31.78 -24.90 26.76
CA PRO A 484 30.90 -25.91 26.19
C PRO A 484 30.63 -25.63 24.70
N LYS A 485 30.19 -26.65 23.97
CA LYS A 485 29.94 -26.52 22.54
C LYS A 485 28.65 -25.76 22.21
N ASP A 486 27.75 -25.65 23.20
CA ASP A 486 26.53 -24.87 23.06
C ASP A 486 26.62 -23.57 23.87
N PHE A 487 27.83 -23.06 24.05
CA PHE A 487 28.07 -21.80 24.74
C PHE A 487 27.14 -20.69 24.23
N GLN A 488 26.56 -19.94 25.17
CA GLN A 488 25.56 -18.92 24.87
C GLN A 488 25.78 -17.64 25.68
N GLY A 489 27.00 -17.51 26.21
CA GLY A 489 27.41 -16.27 26.87
C GLY A 489 27.42 -16.21 28.40
N ASP A 490 27.33 -17.38 29.05
CA ASP A 490 27.39 -17.43 30.51
C ASP A 490 28.74 -16.89 30.99
N LEU A 491 28.70 -15.82 31.76
CA LEU A 491 29.92 -15.21 32.30
C LEU A 491 30.71 -16.14 33.21
N GLU A 492 30.00 -16.91 34.03
CA GLU A 492 30.61 -17.91 34.89
C GLU A 492 31.62 -18.73 34.10
N GLN A 493 31.11 -19.39 33.06
CA GLN A 493 31.94 -20.25 32.20
C GLN A 493 33.03 -19.47 31.45
N LEU A 494 32.66 -18.33 30.88
CA LEU A 494 33.61 -17.50 30.12
C LEU A 494 34.82 -17.09 30.95
N ILE A 495 34.57 -16.61 32.17
CA ILE A 495 35.65 -16.17 33.06
C ILE A 495 36.54 -17.35 33.50
N ALA A 496 35.93 -18.49 33.83
CA ALA A 496 36.72 -19.68 34.20
C ALA A 496 37.61 -20.16 33.06
N ALA A 497 37.07 -20.16 31.84
CA ALA A 497 37.82 -20.58 30.66
C ALA A 497 38.89 -19.56 30.29
N SER A 498 38.56 -18.28 30.43
CA SER A 498 39.49 -17.19 30.16
C SER A 498 40.70 -17.22 31.09
N ARG A 499 40.46 -17.54 32.37
CA ARG A 499 41.55 -17.66 33.33
C ARG A 499 42.52 -18.78 32.94
N THR A 500 41.99 -19.95 32.63
CA THR A 500 42.83 -21.08 32.23
C THR A 500 43.64 -20.80 30.96
N TYR A 501 42.97 -20.25 29.96
CA TYR A 501 43.58 -20.03 28.66
C TYR A 501 44.73 -19.02 28.72
N CYS A 502 44.49 -17.90 29.39
CA CYS A 502 45.42 -16.76 29.42
C CYS A 502 46.63 -16.93 30.34
N SER A 503 46.60 -17.96 31.17
CA SER A 503 47.71 -18.24 32.08
C SER A 503 48.66 -19.28 31.51
N SER A 504 48.27 -19.87 30.38
CA SER A 504 49.15 -20.76 29.63
C SER A 504 50.46 -20.05 29.25
N PRO A 505 51.61 -20.71 29.50
CA PRO A 505 52.90 -20.09 29.24
C PRO A 505 53.29 -20.11 27.77
N VAL A 506 54.15 -19.16 27.37
CA VAL A 506 54.78 -19.21 26.06
C VAL A 506 56.17 -19.78 26.24
N VAL A 507 56.45 -20.88 25.52
CA VAL A 507 57.74 -21.56 25.62
C VAL A 507 58.26 -21.94 24.22
N ASN A 508 59.59 -22.06 24.11
CA ASN A 508 60.21 -22.54 22.90
C ASN A 508 60.66 -23.99 23.10
N ASN A 509 60.04 -24.91 22.37
CA ASN A 509 60.45 -26.31 22.43
C ASN A 509 61.51 -26.64 21.37
N GLY A 510 61.82 -25.65 20.53
CA GLY A 510 62.76 -25.81 19.42
C GLY A 510 62.08 -25.58 18.08
N ASP A 511 60.75 -25.61 18.11
CA ASP A 511 59.92 -25.50 16.91
C ASP A 511 59.28 -24.11 16.73
N GLY A 512 59.78 -23.12 17.47
CA GLY A 512 59.20 -21.78 17.47
C GLY A 512 58.40 -21.53 18.74
N LEU A 513 57.98 -20.28 18.94
CA LEU A 513 57.26 -19.92 20.17
C LEU A 513 55.84 -20.47 20.15
N VAL A 514 55.47 -21.16 21.22
CA VAL A 514 54.13 -21.75 21.34
C VAL A 514 53.46 -21.40 22.68
N ILE A 515 52.14 -21.57 22.72
CA ILE A 515 51.37 -21.45 23.95
C ILE A 515 51.04 -22.86 24.48
N GLN A 516 51.62 -23.23 25.63
CA GLN A 516 51.34 -24.53 26.25
C GLN A 516 49.98 -24.54 26.94
N LEU A 517 48.96 -24.98 26.23
CA LEU A 517 47.65 -25.16 26.78
C LEU A 517 47.61 -26.54 27.45
N PRO A 518 46.65 -26.77 28.37
CA PRO A 518 46.58 -28.05 29.08
C PRO A 518 46.56 -29.28 28.15
N ASN A 519 45.92 -29.14 26.99
CA ASN A 519 45.70 -30.26 26.08
C ASN A 519 46.04 -29.98 24.60
N ALA A 520 46.85 -28.94 24.37
CA ALA A 520 47.20 -28.54 23.01
C ALA A 520 48.40 -27.59 22.99
N GLU A 521 48.98 -27.40 21.81
CA GLU A 521 49.90 -26.30 21.59
C GLU A 521 49.45 -25.40 20.43
N GLN A 522 49.35 -24.10 20.71
CA GLN A 522 48.86 -23.08 19.77
C GLN A 522 50.01 -22.15 19.37
N LYS A 523 50.29 -22.07 18.07
CA LYS A 523 51.40 -21.26 17.58
C LYS A 523 51.16 -19.79 17.93
N LEU A 524 52.18 -19.19 18.55
CA LEU A 524 52.16 -17.78 18.88
C LEU A 524 52.43 -16.93 17.65
N THR A 525 51.45 -16.10 17.27
CA THR A 525 51.61 -15.17 16.15
C THR A 525 51.45 -13.75 16.64
N SER A 526 51.65 -12.78 15.75
CA SER A 526 51.44 -11.38 16.08
C SER A 526 49.96 -11.00 16.18
N MET A 527 49.09 -11.95 15.84
CA MET A 527 47.64 -11.76 15.91
C MET A 527 47.06 -12.27 17.21
N ASN A 528 47.79 -13.16 17.90
CA ASN A 528 47.27 -13.82 19.10
C ASN A 528 47.99 -13.52 20.42
N TYR A 529 49.12 -12.80 20.34
CA TYR A 529 49.98 -12.65 21.53
C TYR A 529 49.28 -11.93 22.67
N ASP A 530 48.40 -10.98 22.32
CA ASP A 530 47.64 -10.23 23.31
C ASP A 530 46.14 -10.51 23.22
N LEU A 531 45.81 -11.73 22.77
CA LEU A 531 44.42 -12.09 22.46
C LEU A 531 43.48 -11.97 23.65
N CYS A 532 44.03 -12.06 24.86
CA CYS A 532 43.22 -11.98 26.07
C CYS A 532 42.66 -10.58 26.34
N LYS A 533 43.27 -9.58 25.71
CA LYS A 533 42.76 -8.21 25.78
C LYS A 533 41.37 -8.18 25.15
N THR A 534 41.15 -8.98 24.11
CA THR A 534 39.85 -8.96 23.46
C THR A 534 38.89 -9.94 24.14
N ILE A 535 39.42 -11.01 24.71
CA ILE A 535 38.60 -11.84 25.58
C ILE A 535 38.09 -11.00 26.79
N ALA A 536 38.99 -10.25 27.42
CA ALA A 536 38.60 -9.35 28.52
C ALA A 536 37.54 -8.39 28.03
N LEU A 537 37.74 -7.90 26.81
CA LEU A 537 36.79 -7.00 26.18
C LEU A 537 35.43 -7.69 25.98
N THR A 538 35.44 -9.00 25.69
CA THR A 538 34.19 -9.76 25.58
C THR A 538 33.51 -9.82 26.93
N VAL A 539 34.23 -10.35 27.93
CA VAL A 539 33.77 -10.40 29.30
C VAL A 539 33.17 -9.05 29.70
N SER A 540 33.92 -7.97 29.52
CA SER A 540 33.47 -6.64 29.88
C SER A 540 32.13 -6.35 29.22
N LEU A 541 32.01 -6.78 27.97
CA LEU A 541 30.91 -6.36 27.13
C LEU A 541 29.66 -7.11 27.56
N LEU A 542 29.84 -8.38 27.93
CA LEU A 542 28.73 -9.22 28.41
C LEU A 542 28.26 -8.80 29.81
N GLN A 543 29.17 -8.21 30.58
CA GLN A 543 28.84 -7.66 31.90
C GLN A 543 27.92 -6.45 31.80
N HIS A 544 28.29 -5.51 30.94
CA HIS A 544 27.49 -4.30 30.74
C HIS A 544 26.09 -4.63 30.20
N MET A 545 26.02 -5.60 29.30
CA MET A 545 24.74 -6.09 28.77
C MET A 545 23.88 -6.75 29.83
N GLU A 546 24.53 -7.39 30.81
CA GLU A 546 23.82 -8.08 31.89
C GLU A 546 23.27 -7.10 32.91
N ALA A 547 23.92 -5.94 33.04
CA ALA A 547 23.59 -4.98 34.10
C ALA A 547 22.57 -3.91 33.69
N GLY A 548 22.24 -3.83 32.41
CA GLY A 548 21.29 -2.82 31.94
C GLY A 548 19.87 -3.16 32.39
N GLU A 549 19.00 -2.15 32.39
CA GLU A 549 17.59 -2.33 32.75
C GLU A 549 16.96 -3.43 31.90
N HIS A 550 17.30 -3.42 30.61
CA HIS A 550 16.85 -4.44 29.68
C HIS A 550 18.02 -5.33 29.27
N LYS A 551 17.75 -6.63 29.26
CA LYS A 551 18.77 -7.63 28.88
C LYS A 551 18.35 -8.27 27.57
N PRO A 552 19.31 -8.42 26.63
CA PRO A 552 19.08 -9.18 25.40
C PRO A 552 18.47 -10.56 25.68
N SER A 553 17.42 -10.92 24.94
CA SER A 553 16.73 -12.19 25.13
C SER A 553 17.65 -13.39 24.93
N SER A 554 18.59 -13.27 23.99
CA SER A 554 19.64 -14.25 23.80
C SER A 554 20.89 -13.57 23.22
N ILE A 555 22.00 -14.30 23.19
CA ILE A 555 23.26 -13.82 22.59
C ILE A 555 23.98 -14.94 21.83
N SER A 556 24.60 -14.60 20.70
CA SER A 556 25.35 -15.56 19.93
C SER A 556 26.55 -14.90 19.28
N TRP A 557 27.48 -15.74 18.83
CA TRP A 557 28.65 -15.32 18.10
C TRP A 557 28.51 -15.88 16.71
N GLN A 558 28.62 -15.01 15.71
CA GLN A 558 28.47 -15.46 14.31
C GLN A 558 29.53 -14.85 13.40
N LYS A 559 29.71 -15.47 12.24
CA LYS A 559 30.76 -15.11 11.29
C LYS A 559 30.21 -15.30 9.88
N THR A 560 29.85 -16.52 9.51
CA THR A 560 29.20 -16.82 8.24
C THR A 560 27.73 -17.05 8.53
N VAL A 561 26.87 -16.79 7.56
CA VAL A 561 25.48 -17.19 7.66
C VAL A 561 25.13 -18.11 6.49
N VAL A 562 24.48 -19.23 6.83
CA VAL A 562 24.26 -20.36 5.94
C VAL A 562 22.91 -20.24 5.27
N GLY A 563 22.82 -20.73 4.02
CA GLY A 563 21.58 -20.63 3.25
C GLY A 563 20.48 -21.63 3.59
N PRO A 564 19.29 -21.46 2.98
CA PRO A 564 18.22 -22.45 3.13
C PRO A 564 18.66 -23.83 2.64
N ASP A 565 19.47 -23.85 1.58
CA ASP A 565 20.06 -25.09 1.04
C ASP A 565 21.03 -25.78 2.00
N GLY A 566 21.54 -25.04 2.99
CA GLY A 566 22.47 -25.58 3.96
C GLY A 566 23.90 -25.12 3.74
N LYS A 567 24.12 -24.42 2.61
CA LYS A 567 25.44 -23.95 2.24
C LYS A 567 25.55 -22.43 2.31
N PRO A 568 26.77 -21.91 2.56
CA PRO A 568 26.95 -20.53 3.00
C PRO A 568 26.43 -19.51 2.00
N ARG A 569 25.69 -18.50 2.48
CA ARG A 569 25.28 -17.40 1.63
C ARG A 569 26.37 -16.34 1.56
N ALA A 570 26.60 -15.66 2.67
CA ALA A 570 27.61 -14.62 2.72
C ALA A 570 28.22 -14.54 4.11
N ASP A 571 29.30 -13.77 4.23
CA ASP A 571 29.87 -13.45 5.53
C ASP A 571 29.17 -12.21 6.10
N LEU A 572 29.14 -12.12 7.43
CA LEU A 572 28.64 -10.93 8.09
C LEU A 572 29.58 -9.75 7.88
N GLY A 573 29.15 -8.55 8.26
CA GLY A 573 29.96 -7.37 8.03
C GLY A 573 29.30 -6.42 7.05
N TRP A 574 29.94 -5.29 6.76
CA TRP A 574 29.31 -4.19 6.06
C TRP A 574 29.04 -4.44 4.57
N HIS A 575 29.68 -5.45 4.00
CA HIS A 575 29.62 -5.65 2.56
C HIS A 575 28.18 -5.73 2.04
N VAL A 576 27.40 -6.72 2.49
CA VAL A 576 26.03 -6.85 2.00
C VAL A 576 25.09 -5.73 2.46
N GLY A 577 25.47 -5.03 3.53
CA GLY A 577 24.77 -3.81 3.94
C GLY A 577 24.90 -2.73 2.87
N ALA A 578 26.11 -2.56 2.34
CA ALA A 578 26.33 -1.61 1.25
C ALA A 578 25.44 -1.95 0.06
N ILE A 579 25.28 -3.26 -0.18
CA ILE A 579 24.45 -3.70 -1.30
C ILE A 579 23.01 -3.34 -1.02
N LEU A 580 22.49 -3.81 0.12
CA LEU A 580 21.10 -3.59 0.50
C LEU A 580 20.72 -2.12 0.57
N HIS A 581 21.67 -1.26 0.97
CA HIS A 581 21.42 0.18 1.05
C HIS A 581 20.95 0.74 -0.31
N ARG A 582 21.56 0.27 -1.39
CA ARG A 582 21.20 0.70 -2.73
C ARG A 582 20.05 -0.12 -3.29
N VAL A 583 20.15 -1.43 -3.16
CA VAL A 583 19.24 -2.37 -3.81
C VAL A 583 17.78 -2.44 -3.28
N LEU A 584 17.57 -2.26 -1.98
CA LEU A 584 16.22 -2.33 -1.43
C LEU A 584 15.31 -1.18 -1.95
N PHE A 585 15.91 -0.06 -2.35
CA PHE A 585 15.18 1.05 -2.94
C PHE A 585 14.86 0.77 -4.40
N THR A 586 13.82 -0.02 -4.64
CA THR A 586 13.60 -0.58 -5.99
C THR A 586 13.57 0.41 -7.16
N GLU A 587 12.81 1.48 -7.03
CA GLU A 587 12.62 2.44 -8.12
C GLU A 587 13.90 3.24 -8.38
N GLU A 588 14.61 3.61 -7.32
CA GLU A 588 15.85 4.37 -7.44
C GLU A 588 16.94 3.49 -8.05
N TRP A 589 17.01 2.23 -7.63
CA TRP A 589 17.99 1.27 -8.15
C TRP A 589 17.70 0.97 -9.63
N GLY A 590 16.44 0.75 -9.95
CA GLY A 590 16.02 0.54 -11.33
C GLY A 590 16.60 1.59 -12.24
N ARG A 591 16.46 2.86 -11.84
CA ARG A 591 16.99 3.98 -12.58
C ARG A 591 18.51 3.98 -12.65
N THR A 592 19.17 3.94 -11.48
CA THR A 592 20.63 4.11 -11.52
C THR A 592 21.39 2.92 -12.10
N ALA A 593 20.94 1.70 -11.80
CA ALA A 593 21.65 0.48 -12.22
C ALA A 593 21.31 0.09 -13.64
N TYR A 594 20.03 0.17 -14.00
CA TYR A 594 19.61 -0.31 -15.32
C TYR A 594 19.30 0.78 -16.33
N GLU A 595 18.69 1.88 -15.92
CA GLU A 595 18.33 2.94 -16.87
C GLU A 595 19.55 3.78 -17.26
N THR A 596 20.16 4.47 -16.30
CA THR A 596 21.43 5.14 -16.61
C THR A 596 22.57 4.10 -16.73
N GLY A 597 22.96 3.46 -15.63
CA GLY A 597 23.81 2.25 -15.68
C GLY A 597 25.17 2.34 -16.37
N PHE A 598 25.54 1.30 -17.08
CA PHE A 598 26.87 1.29 -17.75
C PHE A 598 26.87 2.03 -19.09
N THR A 599 25.70 2.15 -19.71
CA THR A 599 25.57 2.88 -20.99
C THR A 599 25.84 4.38 -20.85
N TYR A 600 25.64 4.95 -19.66
CA TYR A 600 26.01 6.33 -19.33
C TYR A 600 27.48 6.61 -19.63
N ASN A 601 28.33 5.58 -19.47
CA ASN A 601 29.77 5.69 -19.65
C ASN A 601 30.19 5.85 -21.10
N MET A 602 29.31 5.47 -22.02
CA MET A 602 29.56 5.64 -23.45
C MET A 602 29.55 7.11 -23.80
N ALA B 12 1.00 4.46 52.76
CA ALA B 12 0.26 3.23 52.36
C ALA B 12 -1.26 3.43 52.40
N GLU B 13 -1.70 4.48 53.10
CA GLU B 13 -3.12 4.80 53.23
C GLU B 13 -3.63 5.54 51.99
N THR B 14 -3.00 6.67 51.68
CA THR B 14 -3.32 7.44 50.47
C THR B 14 -2.49 6.97 49.27
N GLU B 15 -2.29 5.65 49.18
CA GLU B 15 -1.61 5.03 48.05
C GLU B 15 -2.61 4.82 46.91
N LYS B 16 -3.89 4.82 47.26
CA LYS B 16 -4.98 4.81 46.29
C LYS B 16 -5.15 6.22 45.69
N HIS B 17 -4.59 7.22 46.37
CA HIS B 17 -4.59 8.60 45.87
C HIS B 17 -3.51 8.83 44.81
N ILE B 18 -2.43 8.04 44.88
CA ILE B 18 -1.37 8.06 43.87
C ILE B 18 -1.87 7.44 42.55
N SER B 19 -2.58 6.31 42.65
CA SER B 19 -3.17 5.65 41.49
C SER B 19 -4.37 6.39 40.91
N ALA B 20 -5.01 7.24 41.73
CA ALA B 20 -6.09 8.11 41.26
C ALA B 20 -5.52 9.22 40.38
N GLY B 21 -4.34 9.69 40.76
CA GLY B 21 -3.62 10.71 40.02
C GLY B 21 -2.95 10.17 38.78
N LYS B 22 -2.43 8.94 38.87
CA LYS B 22 -1.85 8.27 37.71
C LYS B 22 -2.90 8.11 36.61
N ALA B 23 -4.07 7.62 37.00
CA ALA B 23 -5.15 7.30 36.06
C ALA B 23 -5.71 8.52 35.33
N ARG B 24 -5.73 9.66 36.01
CA ARG B 24 -6.24 10.90 35.44
C ARG B 24 -5.36 11.37 34.28
N LEU B 25 -4.04 11.29 34.47
CA LEU B 25 -3.09 11.67 33.44
C LEU B 25 -3.19 10.75 32.24
N GLN B 26 -3.25 9.45 32.50
CA GLN B 26 -3.38 8.45 31.43
C GLN B 26 -4.69 8.62 30.66
N ASP B 27 -5.74 9.02 31.36
CA ASP B 27 -7.02 9.26 30.71
C ASP B 27 -6.96 10.49 29.79
N LEU B 28 -6.32 11.55 30.27
CA LEU B 28 -6.11 12.76 29.48
C LEU B 28 -5.18 12.50 28.30
N ARG B 29 -4.17 11.65 28.55
CA ARG B 29 -3.25 11.19 27.51
C ARG B 29 -3.99 10.34 26.47
N ASP B 30 -4.72 9.33 26.96
CA ASP B 30 -5.61 8.49 26.15
C ASP B 30 -6.49 9.36 25.22
N ALA B 31 -6.99 10.47 25.74
CA ALA B 31 -8.00 11.28 25.05
C ALA B 31 -7.45 12.19 23.95
N GLU B 32 -6.16 12.10 23.69
CA GLU B 32 -5.57 12.92 22.65
C GLU B 32 -4.69 12.09 21.74
N ARG B 33 -4.60 10.80 22.06
CA ARG B 33 -3.86 9.83 21.26
C ARG B 33 -4.83 8.93 20.49
N ARG B 34 -6.06 8.89 20.96
CA ARG B 34 -7.10 8.00 20.44
C ARG B 34 -7.88 8.69 19.33
N CYS B 35 -8.56 7.89 18.50
CA CYS B 35 -9.46 8.46 17.51
C CYS B 35 -10.83 8.68 18.14
N HIS B 36 -11.48 9.79 17.78
CA HIS B 36 -12.83 10.08 18.28
C HIS B 36 -13.83 10.03 17.16
N ASP B 37 -15.02 9.52 17.49
CA ASP B 37 -16.11 9.40 16.53
C ASP B 37 -17.11 10.51 16.72
N ALA B 38 -17.54 11.12 15.62
CA ALA B 38 -18.63 12.08 15.66
C ALA B 38 -19.75 11.64 14.71
N TRP B 39 -20.99 11.75 15.18
CA TRP B 39 -22.17 11.43 14.36
C TRP B 39 -22.35 12.46 13.25
N GLN B 40 -22.69 11.98 12.05
CA GLN B 40 -22.97 12.87 10.92
C GLN B 40 -24.17 12.38 10.09
N ALA B 41 -25.01 13.32 9.66
CA ALA B 41 -26.10 13.04 8.75
C ALA B 41 -25.76 13.40 7.29
N ILE B 42 -26.24 12.57 6.37
CA ILE B 42 -26.22 12.88 4.97
C ILE B 42 -27.63 12.70 4.49
N VAL B 43 -28.14 13.64 3.70
CA VAL B 43 -29.48 13.44 3.14
C VAL B 43 -29.36 13.34 1.64
N VAL B 44 -30.07 12.37 1.07
CA VAL B 44 -30.15 12.26 -0.38
C VAL B 44 -31.58 12.48 -0.83
N ILE B 45 -31.74 13.37 -1.79
CA ILE B 45 -33.06 13.75 -2.26
C ILE B 45 -33.32 13.11 -3.62
N ASP B 46 -34.33 12.24 -3.65
CA ASP B 46 -34.69 11.46 -4.85
C ASP B 46 -35.65 12.29 -5.71
N GLY B 47 -35.15 12.82 -6.82
CA GLY B 47 -35.96 13.59 -7.74
C GLY B 47 -36.46 12.68 -8.85
N GLY B 48 -37.54 11.96 -8.57
CA GLY B 48 -38.16 11.05 -9.54
C GLY B 48 -39.18 11.70 -10.45
N SER B 49 -39.66 10.94 -11.44
CA SER B 49 -40.60 11.46 -12.44
C SER B 49 -41.93 11.95 -11.90
N SER B 50 -42.44 11.33 -10.83
CA SER B 50 -43.73 11.74 -10.29
C SER B 50 -43.69 12.44 -8.93
N ALA B 51 -42.55 12.35 -8.23
CA ALA B 51 -42.41 12.99 -6.92
C ALA B 51 -40.96 13.27 -6.54
N THR B 52 -40.75 14.14 -5.58
CA THR B 52 -39.44 14.39 -4.99
C THR B 52 -39.49 14.07 -3.50
N ARG B 53 -38.63 13.15 -3.06
CA ARG B 53 -38.66 12.69 -1.68
C ARG B 53 -37.29 12.73 -1.03
N THR B 54 -37.22 13.38 0.13
CA THR B 54 -36.00 13.43 0.93
C THR B 54 -35.76 12.13 1.71
N ASN B 55 -34.50 11.70 1.76
CA ASN B 55 -34.13 10.51 2.52
C ASN B 55 -32.98 10.87 3.46
N VAL B 56 -33.21 10.70 4.76
CA VAL B 56 -32.23 11.07 5.77
C VAL B 56 -31.41 9.86 6.20
N PHE B 57 -30.09 10.03 6.20
CA PHE B 57 -29.14 8.98 6.55
C PHE B 57 -28.26 9.42 7.72
N LEU B 58 -27.86 8.45 8.55
CA LEU B 58 -26.99 8.74 9.66
C LEU B 58 -25.77 7.84 9.60
N ALA B 59 -24.59 8.46 9.66
CA ALA B 59 -23.32 7.76 9.68
C ALA B 59 -22.44 8.27 10.82
N LYS B 60 -21.48 7.45 11.24
CA LYS B 60 -20.44 7.85 12.18
C LYS B 60 -19.25 8.36 11.37
N THR B 61 -18.55 9.35 11.91
CA THR B 61 -17.24 9.73 11.39
C THR B 61 -16.21 9.44 12.45
N ARG B 62 -15.00 9.17 11.99
CA ARG B 62 -13.88 8.89 12.86
C ARG B 62 -12.81 9.89 12.50
N SER B 63 -12.04 10.30 13.50
CA SER B 63 -11.00 11.29 13.31
C SER B 63 -9.84 10.98 14.24
N CYS B 64 -8.64 10.90 13.67
CA CYS B 64 -7.45 10.59 14.45
C CYS B 64 -6.45 11.75 14.36
N PRO B 65 -5.69 11.98 15.44
CA PRO B 65 -4.58 12.94 15.31
C PRO B 65 -3.58 12.44 14.27
N ARG B 66 -2.85 13.36 13.65
CA ARG B 66 -1.99 13.05 12.49
C ARG B 66 -2.81 12.26 11.46
N GLY B 67 -3.91 12.88 11.04
CA GLY B 67 -4.87 12.28 10.12
C GLY B 67 -6.02 13.24 9.87
N GLY B 68 -6.97 12.81 9.05
CA GLY B 68 -8.11 13.66 8.72
C GLY B 68 -9.37 13.16 9.40
N ARG B 69 -10.48 13.28 8.69
CA ARG B 69 -11.72 12.70 9.15
C ARG B 69 -12.38 11.91 8.03
N HIS B 70 -12.79 10.69 8.34
CA HIS B 70 -13.44 9.83 7.36
C HIS B 70 -14.78 9.33 7.88
N ILE B 71 -15.59 8.84 6.96
CA ILE B 71 -16.84 8.17 7.31
C ILE B 71 -16.58 6.68 7.37
N ASP B 72 -17.06 6.04 8.44
CA ASP B 72 -17.06 4.58 8.47
C ASP B 72 -18.26 4.16 7.65
N PRO B 73 -18.01 3.51 6.50
CA PRO B 73 -19.11 3.30 5.57
C PRO B 73 -20.09 2.20 6.03
N ASP B 74 -19.67 1.39 7.00
CA ASP B 74 -20.55 0.36 7.59
C ASP B 74 -21.60 0.95 8.53
N SER B 75 -21.28 2.10 9.10
CA SER B 75 -22.15 2.76 10.05
C SER B 75 -23.29 3.53 9.38
N ILE B 76 -23.33 3.52 8.04
CA ILE B 76 -24.41 4.21 7.32
C ILE B 76 -25.74 3.49 7.56
N ARG B 77 -26.71 4.22 8.10
CA ARG B 77 -28.07 3.72 8.34
C ARG B 77 -29.08 4.65 7.69
N LEU B 78 -30.15 4.09 7.12
CA LEU B 78 -31.29 4.92 6.72
C LEU B 78 -32.09 5.31 7.97
N LEU B 79 -32.25 6.62 8.17
CA LEU B 79 -32.97 7.15 9.32
C LEU B 79 -34.48 7.26 9.06
N GLY B 80 -34.86 7.71 7.87
CA GLY B 80 -36.24 7.78 7.43
C GLY B 80 -36.43 8.51 6.10
N ALA B 81 -37.35 7.99 5.29
CA ALA B 81 -37.75 8.64 4.05
C ALA B 81 -38.90 9.61 4.33
N GLY B 82 -38.97 10.68 3.54
CA GLY B 82 -39.93 11.75 3.77
C GLY B 82 -41.25 11.62 3.05
N LYS B 83 -42.01 12.71 3.06
CA LYS B 83 -43.25 12.82 2.31
C LYS B 83 -42.94 12.99 0.83
N ARG B 84 -43.89 12.58 -0.02
CA ARG B 84 -43.78 12.79 -1.46
C ARG B 84 -44.24 14.19 -1.86
N PHE B 85 -43.30 15.02 -2.29
CA PHE B 85 -43.60 16.35 -2.79
C PHE B 85 -43.57 16.36 -4.31
N ALA B 86 -43.64 17.55 -4.89
CA ALA B 86 -43.74 17.73 -6.33
C ALA B 86 -42.50 17.20 -7.07
N GLY B 87 -42.75 16.44 -8.15
CA GLY B 87 -41.70 16.04 -9.07
C GLY B 87 -41.07 17.25 -9.76
N LEU B 88 -39.81 17.12 -10.13
CA LEU B 88 -39.07 18.19 -10.79
C LEU B 88 -39.65 18.50 -12.16
N ARG B 89 -39.98 17.45 -12.90
CA ARG B 89 -40.74 17.57 -14.16
C ARG B 89 -41.91 18.53 -13.94
N GLY B 90 -42.69 18.28 -12.90
CA GLY B 90 -43.84 19.10 -12.54
C GLY B 90 -43.59 20.59 -12.51
N VAL B 91 -42.53 21.01 -11.80
CA VAL B 91 -42.27 22.44 -11.64
C VAL B 91 -41.81 23.07 -12.95
N LEU B 92 -41.04 22.31 -13.72
CA LEU B 92 -40.61 22.75 -15.04
C LEU B 92 -41.77 22.83 -16.03
N GLU B 93 -42.80 22.05 -15.78
CA GLU B 93 -43.96 22.00 -16.66
C GLU B 93 -45.00 23.05 -16.30
N SER B 94 -45.16 23.32 -15.00
CA SER B 94 -46.02 24.41 -14.53
C SER B 94 -45.48 25.76 -15.00
N TRP B 95 -44.18 25.96 -14.79
CA TRP B 95 -43.47 27.15 -15.22
C TRP B 95 -43.60 27.37 -16.72
N LEU B 96 -43.29 26.34 -17.50
CA LEU B 96 -43.39 26.40 -18.96
C LEU B 96 -44.80 26.70 -19.45
N ASP B 97 -45.79 26.04 -18.85
CA ASP B 97 -47.19 26.28 -19.19
C ASP B 97 -47.57 27.74 -18.96
N ALA B 98 -47.11 28.30 -17.85
CA ALA B 98 -47.41 29.68 -17.50
C ALA B 98 -46.78 30.68 -18.47
N TYR B 99 -45.53 30.43 -18.87
CA TYR B 99 -44.76 31.46 -19.57
C TYR B 99 -44.29 31.12 -20.98
N ALA B 100 -44.12 29.84 -21.28
CA ALA B 100 -43.76 29.43 -22.64
C ALA B 100 -45.00 29.49 -23.52
N GLY B 101 -44.80 29.41 -24.84
CA GLY B 101 -45.89 29.47 -25.80
C GLY B 101 -46.96 28.43 -25.53
N GLU B 102 -48.22 28.77 -25.79
CA GLU B 102 -49.31 27.81 -25.62
C GLU B 102 -49.09 26.63 -26.56
N ASP B 103 -49.21 25.43 -26.01
CA ASP B 103 -48.88 24.18 -26.72
C ASP B 103 -47.39 24.16 -27.08
N TRP B 104 -46.55 24.60 -26.15
CA TRP B 104 -45.10 24.70 -26.35
C TRP B 104 -44.45 23.36 -26.72
N GLU B 105 -45.06 22.28 -26.26
CA GLU B 105 -44.57 20.94 -26.59
C GLU B 105 -44.90 20.57 -28.04
N SER B 106 -45.97 21.15 -28.56
CA SER B 106 -46.32 21.01 -29.97
C SER B 106 -45.50 21.97 -30.84
N ARG B 107 -45.26 23.16 -30.31
CA ARG B 107 -44.67 24.26 -31.10
C ARG B 107 -43.14 24.39 -31.03
N SER B 108 -42.63 25.40 -31.72
CA SER B 108 -41.22 25.78 -31.72
C SER B 108 -40.77 26.33 -30.36
N VAL B 109 -39.47 26.23 -30.10
CA VAL B 109 -38.91 26.59 -28.78
C VAL B 109 -38.80 28.11 -28.53
N ASP B 110 -37.94 28.79 -29.30
CA ASP B 110 -37.53 30.19 -29.06
C ASP B 110 -37.33 30.48 -27.57
N SER B 111 -36.31 29.83 -27.01
CA SER B 111 -36.05 29.80 -25.57
C SER B 111 -35.61 31.13 -24.96
N LYS B 112 -35.11 32.03 -25.80
CA LYS B 112 -34.40 33.24 -25.34
C LYS B 112 -35.23 34.19 -24.48
N ARG B 113 -36.53 34.25 -24.72
CA ARG B 113 -37.41 35.15 -23.97
C ARG B 113 -37.80 34.61 -22.59
N LEU B 114 -37.69 33.30 -22.42
CA LEU B 114 -38.06 32.63 -21.17
C LEU B 114 -37.26 33.12 -19.98
N PHE B 115 -36.04 33.59 -20.24
CA PHE B 115 -35.17 34.15 -19.22
C PHE B 115 -35.86 35.21 -18.37
N GLN B 116 -36.84 35.90 -18.98
CA GLN B 116 -37.68 36.89 -18.28
C GLN B 116 -38.18 36.38 -16.94
N HIS B 117 -38.57 35.10 -16.91
CA HIS B 117 -39.22 34.49 -15.76
C HIS B 117 -38.30 33.55 -14.97
N VAL B 118 -37.02 33.90 -14.90
CA VAL B 118 -36.10 33.19 -14.01
C VAL B 118 -36.51 33.34 -12.55
N PRO B 119 -36.86 34.58 -12.11
CA PRO B 119 -37.27 34.74 -10.71
C PRO B 119 -38.54 33.96 -10.34
N GLU B 120 -39.31 33.55 -11.34
CA GLU B 120 -40.50 32.73 -11.13
C GLU B 120 -40.14 31.26 -10.96
N MET B 121 -39.20 30.79 -11.79
CA MET B 121 -38.59 29.48 -11.62
C MET B 121 -37.99 29.39 -10.22
N GLU B 122 -37.31 30.46 -9.81
CA GLU B 122 -36.72 30.54 -8.49
C GLU B 122 -37.77 30.56 -7.39
N ASP B 123 -38.98 31.04 -7.71
CA ASP B 123 -40.09 31.09 -6.75
C ASP B 123 -40.67 29.71 -6.47
N SER B 124 -40.91 28.94 -7.54
CA SER B 124 -41.44 27.57 -7.41
C SER B 124 -40.46 26.65 -6.71
N ALA B 125 -39.20 26.76 -7.10
CA ALA B 125 -38.13 25.93 -6.56
C ALA B 125 -37.96 26.14 -5.06
N ARG B 126 -38.02 27.40 -4.63
CA ARG B 126 -37.91 27.76 -3.23
C ARG B 126 -39.06 27.13 -2.43
N GLY B 127 -40.26 27.17 -3.02
CA GLY B 127 -41.42 26.51 -2.43
C GLY B 127 -41.17 25.04 -2.19
N LEU B 128 -40.64 24.36 -3.22
CA LEU B 128 -40.38 22.91 -3.14
C LEU B 128 -39.23 22.55 -2.20
N MET B 129 -38.14 23.30 -2.28
CA MET B 129 -36.97 23.03 -1.45
C MET B 129 -37.15 23.32 0.04
N GLN B 130 -37.92 24.35 0.36
CA GLN B 130 -38.19 24.65 1.76
C GLN B 130 -39.11 23.59 2.38
N LEU B 131 -39.99 23.02 1.58
CA LEU B 131 -40.76 21.85 2.01
C LEU B 131 -39.78 20.73 2.27
N LEU B 132 -38.97 20.42 1.26
CA LEU B 132 -37.89 19.43 1.41
C LEU B 132 -37.04 19.64 2.66
N GLU B 133 -36.41 20.81 2.77
CA GLU B 133 -35.62 21.16 3.96
C GLU B 133 -36.38 20.86 5.27
N ASP B 134 -37.58 21.44 5.42
CA ASP B 134 -38.42 21.25 6.60
C ASP B 134 -38.62 19.77 6.88
N ASP B 135 -38.90 19.02 5.83
CA ASP B 135 -39.15 17.60 5.95
C ASP B 135 -37.95 16.88 6.58
N ALA B 136 -36.75 17.14 6.04
CA ALA B 136 -35.53 16.56 6.60
C ALA B 136 -35.38 16.90 8.08
N VAL B 137 -35.55 18.18 8.41
CA VAL B 137 -35.50 18.67 9.78
C VAL B 137 -36.51 17.92 10.67
N ARG B 138 -37.75 17.82 10.21
CA ARG B 138 -38.79 17.02 10.88
C ARG B 138 -38.24 15.64 11.25
N ILE B 139 -37.66 14.94 10.28
CA ILE B 139 -37.13 13.59 10.50
C ILE B 139 -35.91 13.58 11.42
N LEU B 140 -34.94 14.46 11.15
CA LEU B 140 -33.77 14.59 12.01
C LEU B 140 -34.16 14.83 13.48
N ASP B 141 -35.01 15.82 13.74
CA ASP B 141 -35.45 16.14 15.10
C ASP B 141 -36.05 14.93 15.78
N GLU B 142 -36.84 14.19 15.01
CA GLU B 142 -37.66 13.11 15.52
C GLU B 142 -36.84 11.83 15.80
N LYS B 143 -35.89 11.49 14.92
CA LYS B 143 -35.15 10.22 15.04
C LYS B 143 -33.80 10.28 15.77
N LEU B 144 -33.18 11.46 15.85
CA LEU B 144 -31.90 11.60 16.58
C LEU B 144 -32.08 11.70 18.10
N THR B 145 -31.16 11.11 18.85
CA THR B 145 -31.05 11.40 20.28
C THR B 145 -30.47 12.79 20.40
N GLU B 146 -30.56 13.40 21.58
CA GLU B 146 -30.03 14.74 21.77
C GLU B 146 -28.51 14.83 21.68
N GLU B 147 -27.83 13.78 22.15
CA GLU B 147 -26.37 13.65 21.99
C GLU B 147 -25.98 13.70 20.50
N GLN B 148 -26.64 12.87 19.70
CA GLN B 148 -26.44 12.83 18.26
C GLN B 148 -26.80 14.15 17.58
N LYS B 149 -27.85 14.82 18.06
CA LYS B 149 -28.34 16.03 17.40
C LYS B 149 -27.32 17.16 17.48
N VAL B 150 -26.68 17.29 18.63
CA VAL B 150 -25.66 18.33 18.83
C VAL B 150 -24.49 18.12 17.87
N GLN B 151 -24.01 16.88 17.75
CA GLN B 151 -22.92 16.55 16.83
C GLN B 151 -23.28 16.76 15.35
N VAL B 152 -24.51 16.42 14.98
CA VAL B 152 -24.98 16.55 13.59
C VAL B 152 -25.07 18.02 13.19
N GLN B 153 -25.48 18.88 14.12
CA GLN B 153 -25.50 20.31 13.84
C GLN B 153 -24.09 20.82 13.59
N ALA B 154 -23.15 20.33 14.38
CA ALA B 154 -21.76 20.76 14.32
C ALA B 154 -21.01 20.27 13.07
N MET B 155 -21.35 19.08 12.59
CA MET B 155 -20.59 18.42 11.54
C MET B 155 -20.80 18.97 10.14
N GLY B 156 -21.98 19.53 9.90
CA GLY B 156 -22.39 19.87 8.53
C GLY B 156 -23.15 18.68 7.99
N VAL B 157 -24.21 18.93 7.22
CA VAL B 157 -24.99 17.82 6.66
C VAL B 157 -25.00 17.81 5.14
N PRO B 158 -24.15 16.96 4.56
CA PRO B 158 -24.11 16.80 3.12
C PRO B 158 -25.49 16.46 2.55
N VAL B 159 -25.92 17.17 1.52
CA VAL B 159 -27.12 16.80 0.78
C VAL B 159 -26.80 16.57 -0.70
N LEU B 160 -27.14 15.38 -1.18
CA LEU B 160 -27.01 15.10 -2.59
C LEU B 160 -28.40 14.92 -3.15
N LEU B 161 -28.78 15.85 -4.02
CA LEU B 161 -30.02 15.76 -4.74
C LEU B 161 -29.71 15.22 -6.12
N CYS B 162 -30.32 14.09 -6.48
CA CYS B 162 -30.12 13.53 -7.80
C CYS B 162 -31.43 13.32 -8.51
N SER B 163 -31.65 14.11 -9.55
CA SER B 163 -32.76 13.91 -10.47
C SER B 163 -32.58 12.62 -11.29
N THR B 164 -33.60 11.76 -11.22
CA THR B 164 -33.69 10.53 -12.01
C THR B 164 -34.32 10.86 -13.39
N ALA B 165 -35.23 10.00 -13.86
CA ALA B 165 -35.98 10.26 -15.09
C ALA B 165 -36.98 11.45 -15.00
N GLY B 166 -37.79 11.61 -16.04
CA GLY B 166 -38.82 12.65 -16.07
C GLY B 166 -38.26 14.04 -16.29
N VAL B 167 -36.95 14.18 -16.10
CA VAL B 167 -36.29 15.46 -16.32
C VAL B 167 -35.22 15.31 -17.40
N ARG B 168 -34.92 14.07 -17.76
CA ARG B 168 -33.90 13.77 -18.76
C ARG B 168 -34.18 14.50 -20.08
N ASP B 169 -35.40 14.39 -20.59
CA ASP B 169 -35.74 14.87 -21.94
C ASP B 169 -36.25 16.31 -22.03
N PHE B 170 -35.54 17.21 -21.36
CA PHE B 170 -35.75 18.64 -21.54
C PHE B 170 -34.56 19.23 -22.26
N HIS B 171 -34.82 20.16 -23.19
CA HIS B 171 -33.77 20.71 -24.07
C HIS B 171 -33.42 22.16 -23.75
N ASP B 172 -32.34 22.65 -24.37
CA ASP B 172 -31.80 23.99 -24.10
C ASP B 172 -31.26 24.15 -22.67
N TRP B 173 -31.56 25.29 -22.05
CA TRP B 173 -30.95 25.68 -20.78
C TRP B 173 -31.78 25.35 -19.54
N TYR B 174 -33.04 24.98 -19.74
CA TYR B 174 -34.02 24.91 -18.63
C TYR B 174 -33.57 24.05 -17.44
N ARG B 175 -33.15 22.82 -17.71
CA ARG B 175 -32.79 21.90 -16.64
C ARG B 175 -31.53 22.31 -15.88
N GLU B 176 -30.50 22.71 -16.63
CA GLU B 176 -29.24 23.14 -16.03
C GLU B 176 -29.43 24.34 -15.08
N ALA B 177 -30.30 25.27 -15.45
CA ALA B 177 -30.55 26.46 -14.65
C ALA B 177 -31.29 26.11 -13.38
N LEU B 178 -32.22 25.16 -13.48
CA LEU B 178 -32.98 24.71 -12.33
C LEU B 178 -32.05 24.14 -11.26
N PHE B 179 -31.00 23.44 -11.69
CA PHE B 179 -30.06 22.82 -10.77
C PHE B 179 -29.16 23.82 -10.04
N VAL B 180 -28.70 24.84 -10.78
CA VAL B 180 -27.98 25.95 -10.18
C VAL B 180 -28.83 26.57 -9.07
N ILE B 181 -30.10 26.81 -9.37
CA ILE B 181 -31.08 27.34 -8.41
C ILE B 181 -31.29 26.34 -7.29
N LEU B 182 -31.53 25.08 -7.64
CA LEU B 182 -31.67 24.02 -6.65
C LEU B 182 -30.52 24.04 -5.65
N ARG B 183 -29.29 24.16 -6.17
CA ARG B 183 -28.11 24.12 -5.32
C ARG B 183 -28.05 25.34 -4.42
N PHE B 184 -28.35 26.50 -5.00
CA PHE B 184 -28.37 27.74 -4.25
C PHE B 184 -29.30 27.64 -3.05
N LEU B 185 -30.48 27.03 -3.26
CA LEU B 185 -31.46 26.91 -2.19
C LEU B 185 -31.00 25.97 -1.11
N ILE B 186 -30.41 24.85 -1.49
CA ILE B 186 -29.88 23.93 -0.49
C ILE B 186 -28.79 24.63 0.32
N ASN B 187 -27.86 25.26 -0.38
CA ASN B 187 -26.77 26.00 0.27
C ASN B 187 -27.21 27.23 1.10
N HIS B 188 -28.52 27.46 1.23
CA HIS B 188 -29.02 28.54 2.07
C HIS B 188 -30.21 28.07 2.96
N PRO B 189 -29.91 27.22 3.96
CA PRO B 189 -30.92 26.79 4.89
C PRO B 189 -31.23 27.87 5.94
N LYS B 190 -32.37 27.69 6.61
CA LYS B 190 -32.82 28.59 7.68
C LYS B 190 -31.95 28.39 8.93
N PRO B 191 -31.32 29.48 9.44
CA PRO B 191 -30.40 29.35 10.57
C PRO B 191 -31.02 28.79 11.85
N GLY B 192 -32.35 28.82 11.95
CA GLY B 192 -33.07 28.46 13.17
C GLY B 192 -32.84 27.05 13.70
N HIS B 193 -32.93 26.06 12.80
CA HIS B 193 -32.85 24.65 13.16
C HIS B 193 -31.41 24.14 13.35
N GLY B 194 -30.43 24.89 12.84
CA GLY B 194 -29.00 24.63 13.06
C GLY B 194 -28.40 23.46 12.32
N TYR B 195 -29.18 22.85 11.42
CA TYR B 195 -28.67 21.80 10.55
C TYR B 195 -28.03 22.44 9.32
N LYS B 196 -26.71 22.46 9.31
CA LYS B 196 -25.99 23.12 8.25
C LYS B 196 -25.97 22.28 6.98
N PHE B 197 -27.13 22.24 6.31
CA PHE B 197 -27.27 21.59 5.01
C PHE B 197 -26.39 22.30 4.01
N PHE B 198 -25.75 21.51 3.13
CA PHE B 198 -24.98 22.08 2.01
C PHE B 198 -24.81 21.04 0.89
N THR B 199 -24.43 21.51 -0.30
CA THR B 199 -24.27 20.64 -1.46
C THR B 199 -23.35 21.34 -2.44
N ASN B 200 -22.95 20.65 -3.49
CA ASN B 200 -22.08 21.23 -4.52
C ASN B 200 -22.48 20.74 -5.93
N PRO B 201 -21.84 21.28 -7.00
CA PRO B 201 -22.15 20.80 -8.36
C PRO B 201 -21.84 19.33 -8.62
N GLU B 202 -21.04 18.69 -7.77
CA GLU B 202 -20.65 17.30 -7.98
C GLU B 202 -21.61 16.32 -7.33
N TRP B 203 -22.24 16.76 -6.24
CA TRP B 203 -23.19 15.94 -5.54
C TRP B 203 -24.59 16.10 -6.11
N THR B 204 -25.11 17.33 -6.14
CA THR B 204 -26.44 17.63 -6.66
C THR B 204 -26.40 17.88 -8.16
N ARG B 205 -27.06 16.97 -8.89
CA ARG B 205 -26.95 16.86 -10.36
C ARG B 205 -27.99 15.86 -10.88
N PRO B 206 -28.33 15.95 -12.19
CA PRO B 206 -29.11 14.88 -12.83
C PRO B 206 -28.24 13.67 -13.07
N ILE B 207 -28.75 12.47 -12.80
CA ILE B 207 -28.01 11.23 -13.08
C ILE B 207 -28.74 10.36 -14.11
N THR B 208 -27.99 9.67 -14.97
CA THR B 208 -28.56 8.88 -16.04
C THR B 208 -28.97 7.53 -15.50
N GLY B 209 -29.83 6.83 -16.25
CA GLY B 209 -30.25 5.48 -15.88
C GLY B 209 -29.07 4.61 -15.48
N ALA B 210 -28.05 4.52 -16.34
CA ALA B 210 -26.91 3.66 -16.07
C ALA B 210 -26.21 3.96 -14.75
N GLU B 211 -26.20 5.24 -14.37
CA GLU B 211 -25.59 5.66 -13.11
C GLU B 211 -26.41 5.10 -11.97
N GLU B 212 -27.71 5.40 -11.99
CA GLU B 212 -28.69 4.83 -11.08
C GLU B 212 -28.40 3.34 -10.88
N GLY B 213 -28.05 2.67 -11.97
CA GLY B 213 -27.70 1.26 -11.95
C GLY B 213 -26.39 0.97 -11.27
N LEU B 214 -25.36 1.75 -11.59
CA LEU B 214 -24.03 1.59 -10.98
C LEU B 214 -24.12 1.89 -9.48
N TYR B 215 -24.92 2.90 -9.11
CA TYR B 215 -25.16 3.15 -7.71
C TYR B 215 -25.83 1.93 -7.00
N ALA B 216 -26.79 1.30 -7.65
CA ALA B 216 -27.46 0.14 -7.05
C ALA B 216 -26.46 -0.99 -6.77
N PHE B 217 -25.61 -1.26 -7.76
CA PHE B 217 -24.53 -2.21 -7.63
C PHE B 217 -23.75 -1.93 -6.35
N LEU B 218 -23.20 -0.71 -6.23
CA LEU B 218 -22.41 -0.32 -5.06
C LEU B 218 -23.17 -0.52 -3.78
N ALA B 219 -24.40 -0.01 -3.73
CA ALA B 219 -25.20 -0.12 -2.51
C ALA B 219 -25.27 -1.59 -2.09
N LEU B 220 -25.73 -2.44 -3.02
CA LEU B 220 -26.03 -3.83 -2.70
C LEU B 220 -24.76 -4.50 -2.22
N ASN B 221 -23.71 -4.37 -3.03
CA ASN B 221 -22.43 -4.99 -2.75
C ASN B 221 -21.78 -4.52 -1.46
N HIS B 222 -21.95 -3.25 -1.13
CA HIS B 222 -21.40 -2.76 0.13
C HIS B 222 -22.22 -3.22 1.33
N LEU B 223 -23.53 -3.27 1.17
CA LEU B 223 -24.40 -3.61 2.28
C LEU B 223 -24.40 -5.11 2.54
N SER B 224 -24.02 -5.89 1.55
CA SER B 224 -23.88 -7.34 1.72
C SER B 224 -22.58 -7.68 2.43
N GLY B 225 -21.67 -6.72 2.52
CA GLY B 225 -20.37 -6.92 3.15
C GLY B 225 -19.36 -7.49 2.18
N ARG B 226 -19.59 -7.26 0.89
CA ARG B 226 -18.70 -7.75 -0.16
C ARG B 226 -17.77 -6.65 -0.71
N LEU B 227 -17.91 -5.43 -0.21
CA LEU B 227 -17.03 -4.34 -0.65
C LEU B 227 -16.15 -3.76 0.42
N GLY B 228 -15.63 -4.61 1.32
CA GLY B 228 -14.78 -4.16 2.42
C GLY B 228 -13.47 -3.51 2.00
N GLU B 229 -12.77 -2.91 2.96
CA GLU B 229 -11.46 -2.28 2.72
C GLU B 229 -10.42 -3.28 2.20
N ASP B 230 -10.48 -4.50 2.71
CA ASP B 230 -9.63 -5.58 2.22
C ASP B 230 -10.37 -6.37 1.15
N PRO B 231 -9.62 -6.96 0.20
CA PRO B 231 -10.18 -7.91 -0.76
C PRO B 231 -10.55 -9.22 -0.11
N ALA B 232 -11.44 -9.97 -0.76
CA ALA B 232 -12.00 -11.22 -0.21
C ALA B 232 -11.09 -12.44 -0.36
N ARG B 233 -10.42 -12.55 -1.50
CA ARG B 233 -9.47 -13.62 -1.76
C ARG B 233 -8.22 -13.01 -2.34
N CYS B 234 -7.07 -13.59 -2.03
CA CYS B 234 -5.84 -13.28 -2.76
C CYS B 234 -5.07 -14.55 -3.11
N TYR B 235 -4.94 -14.77 -4.42
CA TYR B 235 -4.30 -15.96 -4.97
C TYR B 235 -3.14 -15.58 -5.90
N VAL B 236 -2.49 -16.58 -6.47
CA VAL B 236 -1.40 -16.41 -7.44
C VAL B 236 -1.73 -17.21 -8.70
N ASP B 237 -1.87 -16.52 -9.84
CA ASP B 237 -2.33 -17.14 -11.08
C ASP B 237 -1.24 -17.83 -11.88
N GLU B 238 -1.62 -18.36 -13.04
CA GLU B 238 -0.75 -19.21 -13.86
C GLU B 238 0.55 -18.55 -14.30
N TYR B 239 0.60 -17.22 -14.25
CA TYR B 239 1.77 -16.45 -14.66
C TYR B 239 2.59 -15.96 -13.47
N GLY B 240 2.18 -16.37 -12.27
CA GLY B 240 2.90 -16.06 -11.05
C GLY B 240 2.68 -14.65 -10.57
N MET B 241 1.53 -14.09 -10.92
CA MET B 241 1.19 -12.73 -10.52
C MET B 241 0.29 -12.73 -9.28
N LYS B 242 0.53 -11.77 -8.39
CA LYS B 242 -0.28 -11.61 -7.18
C LYS B 242 -1.63 -11.02 -7.56
N GLN B 243 -2.70 -11.78 -7.34
CA GLN B 243 -4.05 -11.34 -7.66
C GLN B 243 -4.91 -11.19 -6.41
N CYS B 244 -5.65 -10.08 -6.33
CA CYS B 244 -6.66 -9.89 -5.29
C CYS B 244 -8.00 -9.54 -5.91
N ARG B 245 -9.05 -10.25 -5.50
CA ARG B 245 -10.37 -10.05 -6.08
C ARG B 245 -11.48 -10.04 -5.05
N ASN B 246 -12.60 -9.45 -5.43
CA ASN B 246 -13.79 -9.44 -4.62
C ASN B 246 -14.87 -10.30 -5.26
N ASP B 247 -15.61 -11.02 -4.43
CA ASP B 247 -16.71 -11.85 -4.91
C ASP B 247 -17.99 -11.04 -4.89
N LEU B 248 -18.17 -10.19 -5.90
CA LEU B 248 -19.29 -9.26 -5.94
C LEU B 248 -20.53 -9.85 -6.58
N VAL B 249 -21.69 -9.45 -6.06
CA VAL B 249 -22.99 -9.87 -6.59
C VAL B 249 -23.55 -8.88 -7.63
N GLY B 250 -24.36 -9.41 -8.55
CA GLY B 250 -24.99 -8.61 -9.58
C GLY B 250 -26.42 -8.25 -9.22
N VAL B 251 -26.89 -7.15 -9.81
CA VAL B 251 -28.22 -6.63 -9.48
C VAL B 251 -29.07 -6.39 -10.72
N VAL B 252 -30.35 -6.74 -10.59
CA VAL B 252 -31.35 -6.28 -11.54
C VAL B 252 -32.37 -5.46 -10.79
N GLU B 253 -32.45 -4.18 -11.14
CA GLU B 253 -33.47 -3.32 -10.58
C GLU B 253 -34.39 -2.96 -11.71
N VAL B 254 -35.64 -3.36 -11.60
CA VAL B 254 -36.66 -2.95 -12.55
C VAL B 254 -37.57 -1.98 -11.83
N GLY B 255 -37.48 -0.72 -12.26
CA GLY B 255 -38.25 0.36 -11.66
C GLY B 255 -39.32 0.91 -12.58
N GLY B 256 -39.90 2.05 -12.17
CA GLY B 256 -40.96 2.71 -12.93
C GLY B 256 -40.50 3.12 -14.32
N ALA B 257 -39.41 3.88 -14.37
CA ALA B 257 -38.94 4.47 -15.63
C ALA B 257 -38.05 3.54 -16.45
N SER B 258 -37.23 2.72 -15.77
CA SER B 258 -36.26 1.87 -16.46
C SER B 258 -35.91 0.59 -15.72
N THR B 259 -35.13 -0.27 -16.37
CA THR B 259 -34.64 -1.49 -15.74
C THR B 259 -33.13 -1.52 -15.86
N GLN B 260 -32.45 -1.73 -14.73
CA GLN B 260 -31.01 -1.76 -14.73
C GLN B 260 -30.51 -3.14 -14.41
N ILE B 261 -29.56 -3.59 -15.22
CA ILE B 261 -28.81 -4.80 -14.93
C ILE B 261 -27.35 -4.38 -14.82
N VAL B 262 -26.72 -4.74 -13.72
CA VAL B 262 -25.30 -4.51 -13.51
C VAL B 262 -24.76 -5.74 -12.82
N PHE B 263 -23.76 -6.37 -13.42
CA PHE B 263 -23.08 -7.51 -12.78
C PHE B 263 -21.60 -7.58 -13.14
N PRO B 264 -20.82 -8.38 -12.37
CA PRO B 264 -19.41 -8.48 -12.71
C PRO B 264 -19.23 -9.23 -14.02
N LEU B 265 -18.28 -8.76 -14.83
CA LEU B 265 -17.88 -9.39 -16.09
C LEU B 265 -17.24 -10.73 -15.77
N GLN B 266 -17.61 -11.76 -16.53
CA GLN B 266 -17.03 -13.10 -16.33
C GLN B 266 -15.60 -13.23 -16.85
N ASP B 267 -14.82 -14.02 -16.11
CA ASP B 267 -13.37 -14.18 -16.31
C ASP B 267 -12.82 -14.07 -17.74
N GLY B 268 -13.40 -14.82 -18.69
CA GLY B 268 -12.88 -14.83 -20.05
C GLY B 268 -13.90 -14.54 -21.15
N THR B 269 -14.68 -13.48 -20.96
CA THR B 269 -15.71 -13.11 -21.93
C THR B 269 -15.09 -12.40 -23.14
N ALA B 270 -15.58 -12.74 -24.33
CA ALA B 270 -15.27 -11.96 -25.51
C ALA B 270 -16.50 -11.15 -25.88
N LEU B 271 -16.37 -9.83 -25.82
CA LEU B 271 -17.49 -8.93 -26.05
C LEU B 271 -17.49 -8.42 -27.49
N PRO B 272 -18.69 -8.26 -28.09
CA PRO B 272 -18.79 -7.66 -29.43
C PRO B 272 -18.11 -6.30 -29.45
N SER B 273 -17.50 -5.94 -30.58
CA SER B 273 -16.77 -4.68 -30.71
C SER B 273 -17.65 -3.44 -30.48
N SER B 274 -18.97 -3.64 -30.49
CA SER B 274 -19.93 -2.57 -30.21
C SER B 274 -20.16 -2.40 -28.70
N ILE B 275 -19.75 -3.42 -27.93
CA ILE B 275 -19.95 -3.49 -26.48
C ILE B 275 -18.62 -3.40 -25.73
N ARG B 276 -18.65 -2.77 -24.55
CA ARG B 276 -17.46 -2.64 -23.71
C ARG B 276 -17.79 -2.84 -22.22
N ALA B 277 -16.83 -3.39 -21.48
CA ALA B 277 -16.94 -3.48 -20.02
C ALA B 277 -16.75 -2.10 -19.40
N VAL B 278 -17.56 -1.80 -18.39
CA VAL B 278 -17.42 -0.62 -17.56
C VAL B 278 -16.55 -0.98 -16.35
N ASN B 279 -15.41 -0.30 -16.24
CA ASN B 279 -14.49 -0.42 -15.11
C ASN B 279 -14.79 0.67 -14.06
N LEU B 280 -15.05 0.24 -12.82
CA LEU B 280 -15.51 1.20 -11.79
C LEU B 280 -14.45 2.21 -11.34
N GLN B 281 -13.18 1.77 -11.37
CA GLN B 281 -12.05 2.64 -11.06
C GLN B 281 -11.87 3.71 -12.14
N HIS B 282 -11.72 3.28 -13.38
CA HIS B 282 -11.45 4.19 -14.50
C HIS B 282 -12.53 5.27 -14.65
N GLU B 283 -13.80 4.85 -14.56
CA GLU B 283 -14.90 5.80 -14.69
C GLU B 283 -15.12 6.58 -13.40
N ARG B 284 -14.44 6.15 -12.34
CA ARG B 284 -14.35 6.85 -11.04
C ARG B 284 -15.53 6.67 -10.10
N PHE B 285 -16.09 5.46 -10.13
CA PHE B 285 -17.23 5.10 -9.30
C PHE B 285 -16.78 4.32 -8.06
N LEU B 286 -15.57 3.75 -8.13
CA LEU B 286 -14.96 3.09 -6.99
C LEU B 286 -13.50 3.51 -6.93
N PRO B 287 -12.98 3.76 -5.71
CA PRO B 287 -11.56 4.14 -5.57
C PRO B 287 -10.62 3.02 -6.03
N SER B 288 -9.36 3.35 -6.26
CA SER B 288 -8.37 2.42 -6.81
C SER B 288 -7.89 1.37 -5.82
N ARG B 289 -7.94 1.66 -4.52
CA ARG B 289 -7.54 0.69 -3.50
C ARG B 289 -8.41 -0.55 -3.44
N PHE B 290 -9.63 -0.47 -3.99
CA PHE B 290 -10.49 -1.65 -4.11
C PHE B 290 -10.12 -2.47 -5.33
N PRO B 291 -10.16 -3.82 -5.23
CA PRO B 291 -9.88 -4.66 -6.41
C PRO B 291 -10.66 -4.17 -7.61
N SER B 292 -10.01 -4.11 -8.76
CA SER B 292 -10.66 -3.68 -9.99
C SER B 292 -12.03 -4.34 -10.19
N ALA B 293 -13.03 -3.51 -10.43
CA ALA B 293 -14.37 -4.00 -10.72
C ALA B 293 -14.72 -3.80 -12.19
N ASP B 294 -14.62 -4.88 -12.94
CA ASP B 294 -15.09 -4.90 -14.31
C ASP B 294 -16.53 -5.38 -14.35
N VAL B 295 -17.37 -4.57 -15.00
CA VAL B 295 -18.81 -4.73 -14.90
C VAL B 295 -19.56 -4.62 -16.24
N ILE B 296 -20.64 -5.39 -16.37
CA ILE B 296 -21.60 -5.19 -17.44
C ILE B 296 -22.74 -4.37 -16.84
N SER B 297 -23.09 -3.30 -17.52
CA SER B 297 -24.03 -2.33 -16.99
C SER B 297 -24.92 -1.76 -18.08
N VAL B 298 -26.21 -2.00 -17.93
CA VAL B 298 -27.21 -1.53 -18.88
C VAL B 298 -28.44 -0.93 -18.19
N SER B 299 -29.07 0.03 -18.88
CA SER B 299 -30.31 0.64 -18.43
C SER B 299 -31.25 0.74 -19.63
N PHE B 300 -32.36 0.01 -19.60
CA PHE B 300 -33.29 -0.01 -20.71
C PHE B 300 -34.57 0.76 -20.38
N MET B 301 -34.77 1.87 -21.07
CA MET B 301 -35.98 2.69 -20.94
C MET B 301 -37.23 1.96 -21.43
N GLN B 302 -37.06 1.00 -22.33
CA GLN B 302 -38.18 0.19 -22.85
C GLN B 302 -38.74 -0.73 -21.78
N LEU B 303 -37.88 -1.24 -20.92
CA LEU B 303 -38.32 -1.99 -19.75
C LEU B 303 -38.60 -1.00 -18.63
N GLY B 304 -38.89 -1.49 -17.43
CA GLY B 304 -39.41 -0.58 -16.42
C GLY B 304 -40.90 -0.52 -16.60
N VAL B 305 -41.62 -0.54 -15.48
CA VAL B 305 -43.03 -0.91 -15.50
C VAL B 305 -43.89 0.02 -16.34
N ALA B 306 -43.70 1.32 -16.18
CA ALA B 306 -44.51 2.31 -16.87
C ALA B 306 -44.28 2.29 -18.39
N SER B 307 -43.03 2.49 -18.80
CA SER B 307 -42.71 2.57 -20.22
C SER B 307 -42.93 1.23 -20.94
N SER B 308 -42.71 0.12 -20.26
CA SER B 308 -42.98 -1.20 -20.84
C SER B 308 -44.47 -1.37 -21.14
N SER B 309 -45.31 -0.98 -20.18
CA SER B 309 -46.77 -1.04 -20.32
C SER B 309 -47.30 -0.19 -21.49
N GLY B 310 -46.65 0.93 -21.73
CA GLY B 310 -47.00 1.77 -22.86
C GLY B 310 -46.65 1.06 -24.15
N LEU B 311 -45.36 0.75 -24.32
CA LEU B 311 -44.87 0.12 -25.55
C LEU B 311 -45.61 -1.17 -25.85
N PHE B 312 -45.82 -1.99 -24.81
CA PHE B 312 -46.57 -3.23 -24.94
C PHE B 312 -47.93 -3.00 -25.61
N PHE B 313 -48.73 -2.11 -25.01
CA PHE B 313 -50.02 -1.70 -25.56
C PHE B 313 -49.95 -1.35 -27.05
N LYS B 314 -48.98 -0.52 -27.42
CA LYS B 314 -48.83 -0.06 -28.79
C LYS B 314 -48.53 -1.20 -29.76
N GLU B 315 -47.63 -2.11 -29.37
CA GLU B 315 -47.27 -3.25 -30.22
C GLU B 315 -48.41 -4.26 -30.28
N LEU B 316 -48.97 -4.58 -29.12
CA LEU B 316 -50.00 -5.61 -29.03
C LEU B 316 -51.25 -5.21 -29.80
N CYS B 317 -51.84 -4.07 -29.45
CA CYS B 317 -53.06 -3.63 -30.10
C CYS B 317 -52.83 -3.04 -31.51
N SER B 318 -51.69 -3.38 -32.11
CA SER B 318 -51.45 -3.13 -33.54
C SER B 318 -51.26 -4.46 -34.26
N ASN B 319 -51.13 -5.53 -33.49
CA ASN B 319 -51.09 -6.88 -34.01
C ASN B 319 -52.52 -7.37 -34.23
N ALA B 320 -52.78 -7.93 -35.40
CA ALA B 320 -54.13 -8.40 -35.77
C ALA B 320 -54.52 -9.68 -35.04
N GLU B 321 -53.55 -10.36 -34.43
CA GLU B 321 -53.78 -11.59 -33.68
C GLU B 321 -54.53 -11.32 -32.38
N PHE B 322 -54.57 -10.06 -31.97
CA PHE B 322 -55.16 -9.66 -30.71
C PHE B 322 -56.27 -8.62 -30.87
N ARG B 323 -56.56 -8.26 -32.11
CA ARG B 323 -57.64 -7.31 -32.40
C ARG B 323 -58.81 -7.97 -33.12
N HIS B 324 -60.01 -7.82 -32.57
CA HIS B 324 -61.24 -8.23 -33.24
C HIS B 324 -62.30 -7.13 -33.12
N GLN B 325 -62.63 -6.54 -34.26
CA GLN B 325 -63.46 -5.33 -34.34
C GLN B 325 -62.75 -4.16 -33.65
N GLY B 326 -63.38 -3.56 -32.64
CA GLY B 326 -62.76 -2.46 -31.90
C GLY B 326 -62.16 -2.87 -30.58
N ILE B 327 -62.06 -4.19 -30.36
CA ILE B 327 -61.61 -4.74 -29.09
C ILE B 327 -60.16 -5.22 -29.20
N CYS B 328 -59.37 -4.96 -28.15
CA CYS B 328 -58.01 -5.48 -28.07
C CYS B 328 -57.89 -6.53 -26.97
N TYR B 329 -57.34 -7.69 -27.30
CA TYR B 329 -57.24 -8.79 -26.36
C TYR B 329 -55.84 -8.88 -25.74
N ASN B 330 -55.72 -8.40 -24.49
CA ASN B 330 -54.46 -8.39 -23.75
C ASN B 330 -54.38 -9.57 -22.79
N PRO B 331 -53.42 -10.49 -23.03
CA PRO B 331 -53.29 -11.72 -22.23
C PRO B 331 -52.64 -11.54 -20.85
N CYS B 332 -52.15 -10.32 -20.57
CA CYS B 332 -51.46 -10.05 -19.32
C CYS B 332 -52.40 -9.45 -18.27
N ILE B 333 -53.59 -9.07 -18.71
CA ILE B 333 -54.58 -8.53 -17.81
C ILE B 333 -55.62 -9.61 -17.53
N PHE B 334 -56.07 -9.69 -16.28
CA PHE B 334 -57.06 -10.68 -15.83
C PHE B 334 -58.33 -10.74 -16.70
N ARG B 335 -58.92 -11.92 -16.79
CA ARG B 335 -60.26 -12.05 -17.40
C ARG B 335 -61.24 -11.28 -16.55
N GLY B 336 -62.17 -10.57 -17.19
CA GLY B 336 -63.16 -9.77 -16.48
C GLY B 336 -62.74 -8.34 -16.27
N PHE B 337 -61.59 -7.97 -16.83
CA PHE B 337 -61.13 -6.58 -16.77
C PHE B 337 -61.30 -5.94 -18.14
N ARG B 338 -61.99 -4.82 -18.16
CA ARG B 338 -62.26 -4.09 -19.40
C ARG B 338 -62.02 -2.60 -19.19
N GLN B 339 -61.25 -2.02 -20.09
CA GLN B 339 -60.91 -0.60 -20.01
C GLN B 339 -60.83 0.01 -21.40
N ALA B 340 -60.88 1.34 -21.46
CA ALA B 340 -60.76 2.06 -22.71
C ALA B 340 -59.39 1.81 -23.35
N CYS B 341 -59.34 1.85 -24.68
CA CYS B 341 -58.14 1.49 -25.41
C CYS B 341 -57.16 2.64 -25.53
N SER B 342 -56.27 2.74 -24.56
CA SER B 342 -55.17 3.72 -24.60
C SER B 342 -54.16 3.38 -23.51
N ALA B 343 -53.10 4.18 -23.41
CA ALA B 343 -52.03 3.93 -22.46
C ALA B 343 -52.11 4.86 -21.27
N GLY B 344 -53.22 5.59 -21.18
CA GLY B 344 -53.49 6.50 -20.06
C GLY B 344 -53.47 5.80 -18.72
N ASP B 345 -53.37 6.58 -17.64
CA ASP B 345 -53.27 6.04 -16.28
C ASP B 345 -54.61 5.48 -15.82
N VAL B 346 -54.64 4.16 -15.67
CA VAL B 346 -55.83 3.48 -15.16
C VAL B 346 -56.11 3.90 -13.71
N GLU B 347 -57.37 4.19 -13.43
CA GLU B 347 -57.83 4.47 -12.07
C GLU B 347 -59.09 3.67 -11.81
N ILE B 348 -59.18 3.06 -10.64
CA ILE B 348 -60.39 2.34 -10.25
C ILE B 348 -61.14 3.18 -9.23
N LEU B 349 -62.28 3.70 -9.64
CA LEU B 349 -63.10 4.57 -8.77
C LEU B 349 -63.66 3.76 -7.59
N PRO B 350 -64.11 4.45 -6.51
CA PRO B 350 -64.61 3.75 -5.32
C PRO B 350 -65.61 2.61 -5.54
N ASP B 351 -66.35 2.61 -6.65
CA ASP B 351 -67.33 1.54 -6.91
C ASP B 351 -66.87 0.47 -7.92
N GLY B 352 -65.61 0.53 -8.34
CA GLY B 352 -65.03 -0.50 -9.21
C GLY B 352 -65.04 -0.18 -10.69
N THR B 353 -65.37 1.05 -11.04
CA THR B 353 -65.46 1.38 -12.44
C THR B 353 -64.09 1.80 -12.95
N ILE B 354 -63.57 1.01 -13.88
CA ILE B 354 -62.25 1.23 -14.44
C ILE B 354 -62.32 2.38 -15.43
N VAL B 355 -61.58 3.42 -15.11
CA VAL B 355 -61.57 4.67 -15.85
C VAL B 355 -60.13 5.00 -16.27
N VAL B 356 -59.97 5.65 -17.43
CA VAL B 356 -58.62 5.86 -17.99
C VAL B 356 -58.35 7.33 -18.23
N ASP B 357 -57.21 7.81 -17.72
CA ASP B 357 -56.85 9.22 -17.86
C ASP B 357 -56.56 9.59 -19.31
N GLU B 358 -57.13 10.72 -19.75
CA GLU B 358 -56.97 11.18 -21.13
C GLU B 358 -55.98 12.34 -21.23
N ASP B 359 -55.41 12.71 -20.09
CA ASP B 359 -54.34 13.72 -19.99
C ASP B 359 -53.04 13.18 -20.62
N VAL B 360 -52.44 13.94 -21.54
CA VAL B 360 -51.19 13.52 -22.22
C VAL B 360 -50.04 13.23 -21.25
N ARG B 361 -49.92 14.07 -20.23
CA ARG B 361 -48.85 13.94 -19.24
C ARG B 361 -49.00 12.68 -18.34
N LYS B 362 -50.24 12.32 -18.01
CA LYS B 362 -50.49 11.08 -17.27
C LYS B 362 -50.70 9.92 -18.25
N ASN B 363 -49.72 9.71 -19.12
CA ASN B 363 -49.81 8.66 -20.11
C ASN B 363 -48.56 7.82 -20.10
N LYS B 364 -48.77 6.51 -19.95
CA LYS B 364 -47.69 5.52 -19.92
C LYS B 364 -46.73 5.62 -21.10
N LEU B 365 -47.19 6.20 -22.21
CA LEU B 365 -46.46 6.25 -23.48
C LEU B 365 -45.85 7.61 -23.74
N LYS B 366 -46.17 8.57 -22.88
CA LYS B 366 -45.67 9.94 -23.01
C LYS B 366 -44.14 10.01 -23.02
N PRO B 367 -43.46 9.33 -22.07
CA PRO B 367 -41.99 9.42 -22.10
C PRO B 367 -41.40 9.09 -23.48
N VAL B 368 -41.74 7.92 -24.03
CA VAL B 368 -41.19 7.45 -25.32
C VAL B 368 -41.57 8.37 -26.47
N ALA B 369 -42.86 8.72 -26.51
CA ALA B 369 -43.41 9.62 -27.50
C ALA B 369 -42.77 11.02 -27.48
N THR B 370 -42.35 11.47 -26.30
CA THR B 370 -41.60 12.72 -26.18
C THR B 370 -40.23 12.59 -26.84
N TYR B 371 -39.59 11.44 -26.66
CA TYR B 371 -38.32 11.14 -27.31
C TYR B 371 -38.48 11.03 -28.83
N CYS B 372 -39.52 10.32 -29.24
CA CYS B 372 -39.82 10.14 -30.66
C CYS B 372 -40.73 11.26 -31.18
N SER B 373 -40.15 12.44 -31.35
CA SER B 373 -40.83 13.58 -31.99
C SER B 373 -39.85 14.43 -32.79
N ALA B 374 -40.35 15.02 -33.87
CA ALA B 374 -39.55 15.93 -34.71
C ALA B 374 -39.03 17.14 -33.91
N ASN B 375 -39.71 17.40 -32.79
CA ASN B 375 -39.26 18.34 -31.75
C ASN B 375 -37.84 18.01 -31.24
N ASN B 376 -37.59 16.74 -30.89
CA ASN B 376 -36.30 16.28 -30.35
C ASN B 376 -35.15 16.27 -31.37
N PRO B 377 -34.10 17.08 -31.13
CA PRO B 377 -32.93 17.16 -32.01
C PRO B 377 -32.11 15.87 -32.12
N GLU B 378 -32.32 14.93 -31.19
CA GLU B 378 -31.72 13.60 -31.28
C GLU B 378 -32.27 12.80 -32.46
N ILE B 379 -33.47 13.18 -32.90
CA ILE B 379 -34.13 12.57 -34.06
C ILE B 379 -33.67 13.24 -35.34
N SER B 380 -33.49 14.56 -35.29
CA SER B 380 -32.91 15.34 -36.39
C SER B 380 -31.48 14.88 -36.63
N PHE B 381 -30.75 14.70 -35.54
CA PHE B 381 -29.35 14.26 -35.54
C PHE B 381 -29.12 13.11 -36.50
N LYS B 382 -29.73 11.98 -36.18
CA LYS B 382 -29.59 10.77 -36.97
C LYS B 382 -30.88 10.59 -37.76
N ALA B 383 -30.79 10.76 -39.08
CA ALA B 383 -31.90 10.44 -39.98
C ALA B 383 -32.32 8.96 -39.82
N MET B 384 -31.46 8.20 -39.13
CA MET B 384 -31.66 6.78 -38.84
C MET B 384 -32.46 6.54 -37.56
N ASN B 385 -32.35 7.46 -36.61
CA ASN B 385 -33.12 7.37 -35.36
C ASN B 385 -34.62 7.60 -35.56
N GLU B 386 -34.96 8.33 -36.62
CA GLU B 386 -36.34 8.52 -37.07
C GLU B 386 -36.98 7.22 -37.55
N ILE B 387 -36.17 6.30 -38.06
CA ILE B 387 -36.64 4.99 -38.52
C ILE B 387 -37.04 4.09 -37.33
N GLN B 388 -36.18 4.01 -36.31
CA GLN B 388 -36.43 3.18 -35.13
C GLN B 388 -37.70 3.56 -34.37
N CYS B 389 -37.99 4.85 -34.34
CA CYS B 389 -39.23 5.35 -33.76
C CYS B 389 -40.43 4.86 -34.55
N ARG B 390 -40.34 4.96 -35.87
CA ARG B 390 -41.37 4.44 -36.78
C ARG B 390 -41.55 2.93 -36.68
N VAL B 391 -40.45 2.20 -36.48
CA VAL B 391 -40.47 0.74 -36.42
C VAL B 391 -41.17 0.27 -35.14
N ASN B 392 -40.88 0.95 -34.04
CA ASN B 392 -41.52 0.66 -32.77
C ASN B 392 -42.86 1.38 -32.61
N LYS B 393 -43.47 1.68 -33.77
CA LYS B 393 -44.85 2.16 -33.90
C LYS B 393 -45.11 3.56 -33.32
N ILE B 394 -44.09 4.42 -33.36
CA ILE B 394 -44.21 5.79 -32.84
C ILE B 394 -43.63 6.80 -33.84
N ASP B 395 -44.41 7.14 -34.86
CA ASP B 395 -43.95 7.99 -35.94
C ASP B 395 -43.86 9.46 -35.52
N PRO B 396 -42.66 10.07 -35.59
CA PRO B 396 -42.45 11.49 -35.23
C PRO B 396 -43.11 12.50 -36.18
N THR B 397 -43.42 12.10 -37.41
CA THR B 397 -44.16 12.92 -38.38
C THR B 397 -45.58 13.21 -37.86
N LYS B 398 -46.17 12.21 -37.21
CA LYS B 398 -47.46 12.33 -36.54
C LYS B 398 -47.32 13.22 -35.30
N SER B 399 -48.43 13.83 -34.86
CA SER B 399 -48.45 14.62 -33.63
C SER B 399 -48.42 13.72 -32.39
N LEU B 400 -48.25 14.35 -31.23
CA LEU B 400 -48.25 13.64 -29.96
C LEU B 400 -49.52 12.80 -29.77
N ALA B 401 -50.67 13.40 -30.05
CA ALA B 401 -51.96 12.73 -29.93
C ALA B 401 -52.07 11.49 -30.83
N GLU B 402 -51.54 11.60 -32.06
CA GLU B 402 -51.51 10.45 -32.99
C GLU B 402 -50.53 9.36 -32.54
N ARG B 403 -49.43 9.78 -31.91
CA ARG B 403 -48.39 8.87 -31.45
C ARG B 403 -48.83 7.94 -30.31
N LEU B 404 -49.69 8.45 -29.43
CA LEU B 404 -50.17 7.73 -28.24
C LEU B 404 -51.39 6.86 -28.52
N ARG B 405 -51.97 7.02 -29.70
CA ARG B 405 -53.28 6.49 -30.02
C ARG B 405 -53.16 5.25 -30.91
N ILE B 406 -54.21 4.43 -30.93
CA ILE B 406 -54.40 3.44 -31.97
C ILE B 406 -55.80 3.65 -32.53
N ASP B 407 -55.87 3.90 -33.84
CA ASP B 407 -57.14 4.18 -34.49
C ASP B 407 -57.99 2.92 -34.59
N ASP B 408 -59.30 3.09 -34.42
CA ASP B 408 -60.29 2.00 -34.49
C ASP B 408 -60.18 0.99 -33.35
N CYS B 409 -59.45 1.36 -32.31
CA CYS B 409 -59.41 0.57 -31.08
C CYS B 409 -60.14 1.30 -29.97
N PHE B 410 -61.08 0.61 -29.33
CA PHE B 410 -61.95 1.27 -28.35
C PHE B 410 -61.90 0.64 -26.96
N GLN B 411 -61.83 -0.69 -26.89
CA GLN B 411 -61.74 -1.38 -25.59
C GLN B 411 -60.64 -2.43 -25.55
N ILE B 412 -59.91 -2.46 -24.44
CA ILE B 412 -58.98 -3.53 -24.15
C ILE B 412 -59.63 -4.46 -23.13
N VAL B 413 -59.75 -5.72 -23.47
CA VAL B 413 -60.25 -6.72 -22.50
C VAL B 413 -59.17 -7.75 -22.16
N GLY B 414 -59.09 -8.09 -20.87
CA GLY B 414 -58.10 -9.06 -20.42
C GLY B 414 -58.49 -10.47 -20.80
N THR B 415 -57.51 -11.29 -21.16
CA THR B 415 -57.75 -12.69 -21.47
C THR B 415 -57.12 -13.63 -20.45
N GLY B 416 -56.38 -13.06 -19.49
CA GLY B 416 -55.79 -13.80 -18.38
C GLY B 416 -55.11 -15.08 -18.78
N ASP B 417 -54.36 -15.01 -19.88
CA ASP B 417 -53.66 -16.16 -20.44
C ASP B 417 -52.16 -15.95 -20.31
N PHE B 418 -51.59 -16.48 -19.23
CA PHE B 418 -50.18 -16.28 -18.92
C PHE B 418 -49.23 -16.71 -20.02
N ASP B 419 -49.49 -17.88 -20.60
CA ASP B 419 -48.62 -18.46 -21.62
C ASP B 419 -48.40 -17.53 -22.82
N THR B 420 -49.47 -16.92 -23.32
CA THR B 420 -49.34 -15.95 -24.40
C THR B 420 -48.70 -14.66 -23.90
N CYS B 421 -49.08 -14.23 -22.71
CA CYS B 421 -48.49 -13.05 -22.09
C CYS B 421 -46.97 -13.17 -22.06
N GLN B 422 -46.47 -14.24 -21.45
CA GLN B 422 -45.05 -14.52 -21.40
C GLN B 422 -44.45 -14.39 -22.79
N ALA B 423 -45.02 -15.13 -23.74
CA ALA B 423 -44.57 -15.15 -25.12
C ALA B 423 -44.47 -13.75 -25.74
N GLN B 424 -45.46 -12.90 -25.45
CA GLN B 424 -45.50 -11.55 -25.99
C GLN B 424 -44.47 -10.64 -25.32
N VAL B 425 -44.42 -10.70 -23.99
CA VAL B 425 -43.43 -9.95 -23.22
C VAL B 425 -42.03 -10.29 -23.74
N GLU B 426 -41.83 -11.57 -24.05
CA GLU B 426 -40.59 -12.06 -24.64
C GLU B 426 -40.31 -11.42 -26.01
N GLU B 427 -41.32 -11.45 -26.88
CA GLU B 427 -41.19 -10.97 -28.26
C GLU B 427 -41.11 -9.43 -28.32
N LEU B 428 -41.81 -8.76 -27.41
CA LEU B 428 -42.00 -7.32 -27.50
C LEU B 428 -41.06 -6.47 -26.66
N LEU B 429 -40.59 -7.01 -25.55
CA LEU B 429 -39.87 -6.21 -24.57
C LEU B 429 -38.50 -6.77 -24.22
N VAL B 430 -38.42 -8.09 -24.05
CA VAL B 430 -37.22 -8.74 -23.56
C VAL B 430 -36.23 -8.96 -24.67
N SER B 431 -36.74 -9.28 -25.86
CA SER B 431 -35.89 -9.42 -27.04
C SER B 431 -36.65 -9.10 -28.32
N PRO B 432 -36.93 -7.80 -28.55
CA PRO B 432 -37.45 -7.38 -29.85
C PRO B 432 -36.35 -7.53 -30.93
N ARG B 433 -36.76 -7.71 -32.18
CA ARG B 433 -35.79 -7.80 -33.27
C ARG B 433 -35.17 -6.42 -33.55
N PHE B 434 -35.99 -5.38 -33.45
CA PHE B 434 -35.55 -4.00 -33.70
C PHE B 434 -35.83 -3.13 -32.46
N PRO B 435 -34.96 -3.25 -31.42
CA PRO B 435 -35.20 -2.57 -30.15
C PRO B 435 -35.06 -1.06 -30.24
N LEU B 436 -35.51 -0.38 -29.18
CA LEU B 436 -35.30 1.05 -29.05
C LEU B 436 -33.81 1.34 -28.85
N PRO B 437 -33.33 2.50 -29.35
CA PRO B 437 -31.91 2.85 -29.35
C PRO B 437 -31.25 2.75 -27.98
N ALA B 438 -30.01 2.27 -27.95
CA ALA B 438 -29.24 2.12 -26.72
C ALA B 438 -28.90 3.48 -26.13
N ASN B 439 -28.66 3.50 -24.82
CA ASN B 439 -28.03 4.66 -24.17
C ASN B 439 -26.52 4.58 -24.37
N ILE B 440 -25.93 5.67 -24.85
CA ILE B 440 -24.46 5.70 -25.06
C ILE B 440 -23.81 6.68 -24.11
N GLU B 441 -22.97 6.15 -23.22
CA GLU B 441 -22.36 6.89 -22.11
C GLU B 441 -21.33 6.03 -21.37
N ALA B 442 -20.51 6.69 -20.55
CA ALA B 442 -19.40 6.06 -19.83
C ALA B 442 -19.86 4.90 -18.93
N ALA B 443 -21.01 5.08 -18.30
CA ALA B 443 -21.55 4.14 -17.34
C ALA B 443 -22.33 3.01 -17.99
N SER B 444 -22.47 3.05 -19.33
CA SER B 444 -23.25 2.04 -20.06
C SER B 444 -22.41 1.16 -20.98
N SER B 445 -22.71 -0.14 -20.97
CA SER B 445 -21.95 -1.14 -21.73
C SER B 445 -22.30 -1.19 -23.22
N GLY B 446 -23.51 -0.75 -23.57
CA GLY B 446 -23.89 -0.62 -24.98
C GLY B 446 -24.96 -1.55 -25.54
N PHE B 447 -25.37 -2.57 -24.77
CA PHE B 447 -26.44 -3.49 -25.20
C PHE B 447 -27.76 -2.76 -25.40
N GLU B 448 -28.64 -3.33 -26.22
CA GLU B 448 -29.94 -2.71 -26.49
C GLU B 448 -31.11 -3.46 -25.87
N SER B 449 -30.91 -4.73 -25.55
CA SER B 449 -31.97 -5.58 -25.03
C SER B 449 -31.45 -6.62 -24.04
N VAL B 450 -32.35 -7.12 -23.20
CA VAL B 450 -32.03 -8.15 -22.22
C VAL B 450 -31.57 -9.44 -22.90
N GLY B 451 -32.24 -9.81 -23.99
CA GLY B 451 -31.87 -10.97 -24.78
C GLY B 451 -30.39 -10.96 -25.15
N GLN B 452 -29.92 -9.80 -25.61
CA GLN B 452 -28.51 -9.62 -26.00
C GLN B 452 -27.55 -9.81 -24.84
N VAL B 453 -27.96 -9.33 -23.66
CA VAL B 453 -27.13 -9.30 -22.46
C VAL B 453 -26.66 -10.69 -22.00
N PHE B 454 -27.59 -11.64 -21.93
CA PHE B 454 -27.27 -12.98 -21.43
C PHE B 454 -26.88 -13.97 -22.53
N LYS B 455 -27.07 -13.56 -23.77
CA LYS B 455 -26.58 -14.31 -24.92
C LYS B 455 -25.08 -14.09 -25.10
N PHE B 456 -24.62 -12.86 -24.80
CA PHE B 456 -23.27 -12.45 -25.16
C PHE B 456 -22.34 -12.08 -23.99
N ALA B 457 -22.91 -11.99 -22.79
CA ALA B 457 -22.12 -11.62 -21.60
C ALA B 457 -22.62 -12.22 -20.27
N SER B 458 -23.21 -13.42 -20.33
CA SER B 458 -23.68 -14.13 -19.14
C SER B 458 -22.64 -14.17 -18.01
N THR B 459 -23.08 -14.38 -16.77
CA THR B 459 -22.17 -14.42 -15.63
C THR B 459 -22.47 -15.51 -14.60
N ALA B 460 -21.48 -15.84 -13.78
CA ALA B 460 -21.58 -16.93 -12.80
C ALA B 460 -21.70 -16.45 -11.34
N SER B 461 -21.48 -15.15 -11.12
CA SER B 461 -21.70 -14.54 -9.82
C SER B 461 -23.20 -14.51 -9.47
N PRO B 462 -23.54 -14.57 -8.16
CA PRO B 462 -24.95 -14.62 -7.78
C PRO B 462 -25.71 -13.37 -8.21
N MET B 463 -27.03 -13.51 -8.34
CA MET B 463 -27.87 -12.41 -8.79
C MET B 463 -28.95 -12.11 -7.77
N VAL B 464 -29.26 -10.83 -7.62
CA VAL B 464 -30.42 -10.45 -6.82
C VAL B 464 -31.33 -9.45 -7.53
N ILE B 465 -32.60 -9.83 -7.59
CA ILE B 465 -33.62 -9.03 -8.23
C ILE B 465 -34.18 -8.06 -7.18
N THR B 466 -34.26 -6.79 -7.57
CA THR B 466 -34.80 -5.74 -6.72
C THR B 466 -35.84 -5.00 -7.54
N GLY B 467 -36.77 -4.33 -6.86
CA GLY B 467 -37.90 -3.67 -7.51
C GLY B 467 -39.17 -3.93 -6.73
N GLY B 468 -39.97 -2.89 -6.52
CA GLY B 468 -41.27 -3.00 -5.87
C GLY B 468 -42.13 -3.97 -6.65
N ALA B 469 -42.28 -3.71 -7.95
CA ALA B 469 -42.99 -4.60 -8.87
C ALA B 469 -42.48 -6.04 -8.80
N MET B 470 -41.16 -6.22 -8.89
CA MET B 470 -40.54 -7.55 -8.83
C MET B 470 -40.78 -8.26 -7.50
N TYR B 471 -40.55 -7.56 -6.39
CA TYR B 471 -40.76 -8.12 -5.05
C TYR B 471 -42.22 -8.47 -4.81
N ALA B 472 -43.14 -7.58 -5.19
CA ALA B 472 -44.58 -7.84 -5.04
C ALA B 472 -45.00 -9.13 -5.77
N SER B 473 -44.58 -9.27 -7.03
CA SER B 473 -44.88 -10.47 -7.82
C SER B 473 -44.74 -11.75 -6.99
N ILE B 474 -43.53 -11.99 -6.49
CA ILE B 474 -43.24 -13.15 -5.68
C ILE B 474 -44.06 -13.12 -4.38
N SER B 475 -43.94 -12.04 -3.61
CA SER B 475 -44.66 -11.88 -2.33
C SER B 475 -46.15 -12.22 -2.43
N THR B 476 -46.84 -11.58 -3.37
CA THR B 476 -48.29 -11.71 -3.52
C THR B 476 -48.72 -13.17 -3.67
N MET B 477 -47.94 -13.93 -4.44
CA MET B 477 -48.20 -15.34 -4.63
C MET B 477 -47.86 -16.15 -3.38
N GLN B 478 -46.77 -15.78 -2.71
CA GLN B 478 -46.38 -16.42 -1.45
C GLN B 478 -47.46 -16.26 -0.38
N GLY B 479 -48.15 -15.12 -0.38
CA GLY B 479 -49.25 -14.86 0.55
C GLY B 479 -50.52 -15.64 0.25
N LEU B 480 -50.60 -16.17 -0.97
CA LEU B 480 -51.76 -16.94 -1.41
C LEU B 480 -51.45 -18.44 -1.42
N GLY B 481 -50.24 -18.80 -0.99
CA GLY B 481 -49.81 -20.19 -0.90
C GLY B 481 -49.46 -20.83 -2.23
N LEU B 482 -49.36 -20.01 -3.28
CA LEU B 482 -49.02 -20.49 -4.62
C LEU B 482 -47.54 -20.78 -4.79
N LEU B 483 -46.70 -20.07 -4.03
CA LEU B 483 -45.26 -20.30 -4.02
C LEU B 483 -44.75 -20.67 -2.61
N PRO B 484 -43.63 -21.41 -2.54
CA PRO B 484 -43.02 -21.72 -1.25
C PRO B 484 -42.46 -20.49 -0.54
N LYS B 485 -42.57 -20.46 0.78
CA LYS B 485 -41.98 -19.41 1.62
C LYS B 485 -40.47 -19.26 1.41
N ASP B 486 -39.83 -20.29 0.86
CA ASP B 486 -38.38 -20.32 0.67
C ASP B 486 -37.98 -20.36 -0.81
N PHE B 487 -38.90 -19.92 -1.67
CA PHE B 487 -38.69 -19.88 -3.11
C PHE B 487 -37.40 -19.17 -3.51
N GLN B 488 -36.65 -19.78 -4.43
CA GLN B 488 -35.32 -19.32 -4.82
C GLN B 488 -35.15 -19.19 -6.34
N GLY B 489 -36.25 -19.25 -7.09
CA GLY B 489 -36.16 -19.02 -8.53
C GLY B 489 -36.37 -20.20 -9.45
N ASP B 490 -36.82 -21.33 -8.90
CA ASP B 490 -37.11 -22.54 -9.66
C ASP B 490 -38.20 -22.27 -10.71
N LEU B 491 -37.84 -22.49 -11.98
CA LEU B 491 -38.68 -22.13 -13.12
C LEU B 491 -40.01 -22.87 -13.25
N GLU B 492 -40.02 -24.18 -13.00
CA GLU B 492 -41.26 -24.94 -13.13
C GLU B 492 -42.29 -24.51 -12.07
N GLN B 493 -41.84 -24.37 -10.83
CA GLN B 493 -42.69 -23.88 -9.73
C GLN B 493 -43.33 -22.54 -10.07
N LEU B 494 -42.52 -21.63 -10.62
CA LEU B 494 -42.95 -20.26 -10.92
C LEU B 494 -44.06 -20.20 -11.95
N ILE B 495 -43.82 -20.77 -13.14
CA ILE B 495 -44.84 -20.86 -14.18
C ILE B 495 -46.12 -21.57 -13.68
N ALA B 496 -45.95 -22.65 -12.92
CA ALA B 496 -47.09 -23.36 -12.35
C ALA B 496 -47.98 -22.40 -11.58
N ALA B 497 -47.36 -21.68 -10.64
CA ALA B 497 -48.07 -20.70 -9.83
C ALA B 497 -48.58 -19.55 -10.68
N SER B 498 -47.78 -19.13 -11.66
CA SER B 498 -48.13 -18.01 -12.53
C SER B 498 -49.38 -18.26 -13.38
N ARG B 499 -49.54 -19.48 -13.87
CA ARG B 499 -50.75 -19.87 -14.61
C ARG B 499 -52.00 -19.73 -13.75
N THR B 500 -51.98 -20.34 -12.58
CA THR B 500 -53.13 -20.35 -11.69
C THR B 500 -53.53 -18.93 -11.25
N TYR B 501 -52.53 -18.08 -11.04
CA TYR B 501 -52.78 -16.70 -10.60
C TYR B 501 -53.44 -15.86 -11.68
N CYS B 502 -52.78 -15.74 -12.83
CA CYS B 502 -53.24 -14.90 -13.94
C CYS B 502 -54.54 -15.40 -14.57
N SER B 503 -54.83 -16.69 -14.39
CA SER B 503 -56.03 -17.29 -14.95
C SER B 503 -57.25 -17.04 -14.08
N SER B 504 -57.06 -16.31 -12.99
CA SER B 504 -58.15 -15.95 -12.09
C SER B 504 -59.03 -14.86 -12.69
N PRO B 505 -60.36 -15.03 -12.58
CA PRO B 505 -61.27 -13.98 -13.04
C PRO B 505 -61.44 -12.89 -11.99
N VAL B 506 -61.64 -11.66 -12.45
CA VAL B 506 -61.95 -10.55 -11.56
C VAL B 506 -63.45 -10.21 -11.64
N VAL B 507 -64.11 -10.21 -10.49
CA VAL B 507 -65.56 -9.97 -10.41
C VAL B 507 -65.88 -8.79 -9.49
N ASN B 508 -66.81 -7.94 -9.93
CA ASN B 508 -67.25 -6.80 -9.13
C ASN B 508 -68.32 -7.22 -8.12
N ASN B 509 -67.87 -7.41 -6.88
CA ASN B 509 -68.76 -7.75 -5.78
C ASN B 509 -69.47 -6.48 -5.29
N GLY B 510 -69.96 -6.50 -4.05
CA GLY B 510 -70.29 -5.27 -3.35
C GLY B 510 -68.99 -4.52 -3.13
N ASP B 511 -67.91 -5.30 -3.02
CA ASP B 511 -66.54 -4.81 -2.92
C ASP B 511 -66.00 -4.45 -4.32
N GLY B 512 -65.49 -3.22 -4.44
CA GLY B 512 -65.08 -2.64 -5.73
C GLY B 512 -63.88 -3.28 -6.41
N LEU B 513 -64.12 -4.42 -7.06
CA LEU B 513 -63.12 -5.14 -7.88
C LEU B 513 -62.16 -6.02 -7.07
N VAL B 514 -62.26 -7.32 -7.31
CA VAL B 514 -61.53 -8.33 -6.56
C VAL B 514 -61.14 -9.49 -7.49
N ILE B 515 -59.96 -10.07 -7.28
CA ILE B 515 -59.51 -11.23 -8.05
C ILE B 515 -59.88 -12.51 -7.29
N GLN B 516 -60.60 -13.40 -7.95
CA GLN B 516 -61.04 -14.66 -7.34
C GLN B 516 -60.08 -15.80 -7.60
N LEU B 517 -59.20 -16.05 -6.63
CA LEU B 517 -58.28 -17.18 -6.68
C LEU B 517 -58.99 -18.44 -6.21
N PRO B 518 -58.39 -19.63 -6.46
CA PRO B 518 -58.97 -20.89 -5.97
C PRO B 518 -59.33 -20.89 -4.47
N ASN B 519 -58.42 -20.42 -3.62
CA ASN B 519 -58.62 -20.48 -2.16
C ASN B 519 -58.68 -19.14 -1.40
N ALA B 520 -58.44 -18.03 -2.11
CA ALA B 520 -58.46 -16.70 -1.50
C ALA B 520 -58.92 -15.60 -2.47
N GLU B 521 -59.03 -14.37 -1.96
CA GLU B 521 -59.43 -13.22 -2.76
C GLU B 521 -58.45 -12.06 -2.58
N GLN B 522 -57.94 -11.53 -3.69
CA GLN B 522 -57.03 -10.38 -3.65
C GLN B 522 -57.68 -9.11 -4.21
N LYS B 523 -57.35 -7.98 -3.59
CA LYS B 523 -57.83 -6.68 -4.02
C LYS B 523 -57.24 -6.30 -5.38
N LEU B 524 -58.07 -5.69 -6.24
CA LEU B 524 -57.58 -5.20 -7.52
C LEU B 524 -57.34 -3.69 -7.44
N THR B 525 -56.14 -3.28 -7.86
CA THR B 525 -55.75 -1.86 -7.82
C THR B 525 -55.12 -1.43 -9.14
N SER B 526 -54.98 -0.11 -9.30
CA SER B 526 -54.36 0.45 -10.50
C SER B 526 -52.90 -0.02 -10.65
N MET B 527 -52.37 -0.61 -9.60
CA MET B 527 -50.99 -1.04 -9.56
C MET B 527 -50.81 -2.55 -9.73
N ASN B 528 -51.90 -3.32 -9.73
CA ASN B 528 -51.77 -4.77 -9.86
C ASN B 528 -52.63 -5.49 -10.91
N TYR B 529 -53.42 -4.74 -11.69
CA TYR B 529 -54.28 -5.35 -12.71
C TYR B 529 -53.50 -6.00 -13.84
N ASP B 530 -52.31 -5.45 -14.13
CA ASP B 530 -51.41 -6.03 -15.12
C ASP B 530 -50.12 -6.55 -14.49
N LEU B 531 -50.20 -6.90 -13.21
CA LEU B 531 -49.08 -7.50 -12.48
C LEU B 531 -48.44 -8.65 -13.28
N CYS B 532 -49.30 -9.45 -13.91
CA CYS B 532 -48.88 -10.60 -14.69
C CYS B 532 -47.84 -10.30 -15.77
N LYS B 533 -47.86 -9.09 -16.33
CA LYS B 533 -46.83 -8.66 -17.28
C LYS B 533 -45.47 -8.75 -16.60
N THR B 534 -45.40 -8.24 -15.37
CA THR B 534 -44.12 -8.19 -14.68
C THR B 534 -43.78 -9.53 -13.99
N ILE B 535 -44.80 -10.39 -13.86
CA ILE B 535 -44.53 -11.79 -13.56
C ILE B 535 -43.92 -12.45 -14.81
N ALA B 536 -44.56 -12.23 -15.97
CA ALA B 536 -44.02 -12.69 -17.24
C ALA B 536 -42.59 -12.22 -17.36
N LEU B 537 -42.34 -10.97 -16.98
CA LEU B 537 -40.98 -10.43 -17.02
C LEU B 537 -40.04 -11.30 -16.20
N THR B 538 -40.48 -11.70 -15.01
CA THR B 538 -39.65 -12.48 -14.11
C THR B 538 -39.29 -13.81 -14.77
N VAL B 539 -40.30 -14.53 -15.26
CA VAL B 539 -40.11 -15.80 -15.95
C VAL B 539 -39.08 -15.70 -17.08
N SER B 540 -39.22 -14.68 -17.93
CA SER B 540 -38.31 -14.44 -19.03
C SER B 540 -36.88 -14.28 -18.52
N LEU B 541 -36.74 -13.44 -17.49
CA LEU B 541 -35.44 -13.08 -16.92
C LEU B 541 -34.64 -14.31 -16.53
N LEU B 542 -35.27 -15.18 -15.75
CA LEU B 542 -34.63 -16.40 -15.28
C LEU B 542 -34.34 -17.35 -16.43
N GLN B 543 -35.23 -17.37 -17.42
CA GLN B 543 -35.06 -18.21 -18.59
C GLN B 543 -33.77 -17.89 -19.32
N HIS B 544 -33.51 -16.61 -19.55
CA HIS B 544 -32.26 -16.18 -20.18
C HIS B 544 -31.06 -16.47 -19.30
N MET B 545 -31.24 -16.30 -18.00
CA MET B 545 -30.16 -16.53 -17.05
C MET B 545 -29.78 -18.01 -16.93
N GLU B 546 -30.73 -18.90 -17.22
CA GLU B 546 -30.49 -20.36 -17.23
C GLU B 546 -29.89 -20.81 -18.58
N ALA B 547 -30.32 -20.17 -19.66
CA ALA B 547 -29.90 -20.51 -21.03
C ALA B 547 -28.52 -19.98 -21.41
N GLY B 548 -28.06 -18.95 -20.72
CA GLY B 548 -26.77 -18.33 -21.01
C GLY B 548 -25.60 -19.24 -20.67
N GLU B 549 -24.51 -19.11 -21.42
CA GLU B 549 -23.33 -19.95 -21.29
C GLU B 549 -22.85 -20.10 -19.84
N HIS B 550 -22.81 -18.98 -19.12
CA HIS B 550 -22.53 -18.99 -17.69
C HIS B 550 -23.81 -18.79 -16.90
N LYS B 551 -23.93 -19.46 -15.76
CA LYS B 551 -25.15 -19.44 -14.97
C LYS B 551 -24.88 -18.89 -13.57
N PRO B 552 -25.71 -17.95 -13.10
CA PRO B 552 -25.61 -17.42 -11.73
C PRO B 552 -25.72 -18.52 -10.66
N SER B 553 -24.77 -18.53 -9.72
CA SER B 553 -24.68 -19.56 -8.67
C SER B 553 -25.95 -19.69 -7.82
N SER B 554 -26.55 -18.56 -7.50
CA SER B 554 -27.89 -18.54 -6.92
C SER B 554 -28.61 -17.25 -7.30
N ILE B 555 -29.89 -17.18 -6.96
CA ILE B 555 -30.71 -16.02 -7.26
C ILE B 555 -31.64 -15.76 -6.08
N SER B 556 -31.79 -14.50 -5.70
CA SER B 556 -32.75 -14.12 -4.65
C SER B 556 -33.46 -12.79 -4.92
N TRP B 557 -34.48 -12.53 -4.10
CA TRP B 557 -35.27 -11.32 -4.17
C TRP B 557 -35.03 -10.53 -2.89
N GLN B 558 -34.72 -9.24 -3.02
CA GLN B 558 -34.44 -8.38 -1.86
C GLN B 558 -34.89 -6.95 -2.04
N LYS B 559 -35.27 -6.32 -0.94
CA LYS B 559 -35.54 -4.86 -0.89
C LYS B 559 -34.77 -4.17 0.25
N THR B 560 -34.89 -4.68 1.47
CA THR B 560 -34.16 -4.15 2.62
C THR B 560 -32.94 -5.04 2.93
N VAL B 561 -31.86 -4.42 3.41
CA VAL B 561 -30.80 -5.17 4.07
C VAL B 561 -30.93 -4.87 5.57
N VAL B 562 -30.68 -5.87 6.41
CA VAL B 562 -31.06 -5.76 7.83
C VAL B 562 -29.89 -5.78 8.81
N GLY B 563 -28.83 -6.50 8.44
CA GLY B 563 -27.69 -6.73 9.33
C GLY B 563 -27.96 -7.91 10.24
N PRO B 564 -27.00 -8.87 10.34
CA PRO B 564 -27.23 -10.12 11.10
C PRO B 564 -27.63 -9.81 12.54
N ASP B 565 -27.02 -8.76 13.09
CA ASP B 565 -27.39 -8.16 14.36
C ASP B 565 -28.71 -7.37 14.27
N GLY B 566 -29.68 -7.73 15.12
CA GLY B 566 -30.97 -7.04 15.15
C GLY B 566 -31.56 -6.79 13.77
N LYS B 567 -32.03 -5.57 13.54
CA LYS B 567 -32.75 -5.21 12.30
C LYS B 567 -32.56 -3.72 11.86
N PRO B 568 -33.36 -3.24 10.87
CA PRO B 568 -33.18 -2.12 9.95
C PRO B 568 -31.79 -1.46 9.82
N ARG B 569 -31.17 -1.66 8.66
CA ARG B 569 -29.96 -0.94 8.28
C ARG B 569 -30.29 0.09 7.20
N ALA B 570 -30.61 -0.39 6.00
CA ALA B 570 -30.96 0.48 4.88
C ALA B 570 -31.70 -0.27 3.76
N ASP B 571 -32.35 0.48 2.88
CA ASP B 571 -33.09 -0.07 1.76
C ASP B 571 -32.22 -0.06 0.52
N LEU B 572 -32.28 -1.13 -0.28
CA LEU B 572 -31.57 -1.20 -1.56
C LEU B 572 -32.06 -0.13 -2.55
N GLY B 573 -31.30 0.08 -3.61
CA GLY B 573 -31.57 1.13 -4.58
C GLY B 573 -30.38 2.05 -4.62
N TRP B 574 -30.51 3.14 -5.37
CA TRP B 574 -29.37 3.96 -5.67
C TRP B 574 -28.94 4.91 -4.53
N HIS B 575 -29.82 5.14 -3.56
CA HIS B 575 -29.53 6.11 -2.50
C HIS B 575 -28.17 5.90 -1.84
N VAL B 576 -27.93 4.70 -1.31
CA VAL B 576 -26.66 4.41 -0.65
C VAL B 576 -25.49 4.53 -1.64
N GLY B 577 -25.71 4.20 -2.90
CA GLY B 577 -24.65 4.30 -3.94
C GLY B 577 -24.26 5.75 -4.20
N ALA B 578 -25.24 6.65 -4.11
CA ALA B 578 -24.93 8.05 -4.28
C ALA B 578 -23.96 8.46 -3.19
N ILE B 579 -24.19 7.94 -1.97
CA ILE B 579 -23.37 8.28 -0.82
C ILE B 579 -21.97 7.68 -1.00
N LEU B 580 -21.93 6.36 -1.19
CA LEU B 580 -20.65 5.67 -1.32
C LEU B 580 -19.75 6.25 -2.42
N HIS B 581 -20.35 6.75 -3.51
CA HIS B 581 -19.57 7.22 -4.66
C HIS B 581 -18.67 8.37 -4.24
N ARG B 582 -19.10 9.11 -3.23
CA ARG B 582 -18.35 10.28 -2.78
C ARG B 582 -17.51 9.99 -1.54
N VAL B 583 -18.11 9.23 -0.62
CA VAL B 583 -17.58 8.93 0.70
C VAL B 583 -16.39 7.94 0.71
N LEU B 584 -16.40 6.97 -0.20
CA LEU B 584 -15.32 6.00 -0.27
C LEU B 584 -13.98 6.64 -0.64
N PHE B 585 -14.02 7.80 -1.29
CA PHE B 585 -12.80 8.52 -1.65
C PHE B 585 -12.39 9.36 -0.45
N THR B 586 -11.68 8.74 0.49
CA THR B 586 -11.39 9.40 1.76
C THR B 586 -10.78 10.80 1.64
N GLU B 587 -9.70 10.95 0.88
CA GLU B 587 -9.05 12.27 0.86
C GLU B 587 -9.84 13.37 0.13
N GLU B 588 -10.51 13.02 -0.98
CA GLU B 588 -11.44 13.94 -1.63
C GLU B 588 -12.64 14.28 -0.74
N TRP B 589 -13.20 13.28 -0.07
CA TRP B 589 -14.36 13.53 0.82
C TRP B 589 -14.02 14.45 1.98
N GLY B 590 -12.82 14.29 2.55
CA GLY B 590 -12.36 15.15 3.62
C GLY B 590 -12.28 16.61 3.20
N ARG B 591 -11.75 16.85 2.00
CA ARG B 591 -11.62 18.22 1.51
C ARG B 591 -12.99 18.81 1.29
N THR B 592 -13.83 18.09 0.53
CA THR B 592 -15.10 18.67 0.12
C THR B 592 -16.15 18.71 1.22
N ALA B 593 -16.10 17.75 2.14
CA ALA B 593 -17.09 17.72 3.23
C ALA B 593 -16.63 18.49 4.47
N TYR B 594 -15.34 18.42 4.76
CA TYR B 594 -14.85 18.95 6.03
C TYR B 594 -14.02 20.23 5.92
N GLU B 595 -13.14 20.32 4.92
CA GLU B 595 -12.33 21.52 4.74
C GLU B 595 -13.11 22.66 4.08
N THR B 596 -13.56 22.42 2.86
CA THR B 596 -14.49 23.32 2.17
C THR B 596 -15.84 23.35 2.88
N GLY B 597 -16.62 22.29 2.71
CA GLY B 597 -17.90 22.11 3.40
C GLY B 597 -18.89 23.28 3.38
N PHE B 598 -19.47 23.57 4.54
CA PHE B 598 -20.56 24.55 4.62
C PHE B 598 -20.00 25.95 4.89
N THR B 599 -18.85 26.02 5.56
CA THR B 599 -18.14 27.27 5.78
C THR B 599 -17.89 28.00 4.48
N TYR B 600 -17.82 27.24 3.40
CA TYR B 600 -17.65 27.77 2.04
C TYR B 600 -18.80 28.70 1.69
N ASN B 601 -19.99 28.37 2.19
CA ASN B 601 -21.22 29.08 1.88
C ASN B 601 -21.38 30.42 2.55
N MET B 602 -20.41 30.82 3.36
CA MET B 602 -20.50 32.12 4.01
C MET B 602 -19.57 33.18 3.38
#